data_7SCH
#
_entry.id   7SCH
#
_cell.length_a   1.00
_cell.length_b   1.00
_cell.length_c   1.00
_cell.angle_alpha   90.00
_cell.angle_beta   90.00
_cell.angle_gamma   90.00
#
_symmetry.space_group_name_H-M   'P 1'
#
loop_
_entity.id
_entity.type
_entity.pdbx_description
1 polymer Exostosin-1
2 polymer Exostosin-2
3 branched beta-D-mannopyranose-(1-4)-2-acetamido-2-deoxy-beta-D-glucopyranose-(1-4)-2-acetamido-2-deoxy-beta-D-glucopyranose
#
loop_
_entity_poly.entity_id
_entity_poly.type
_entity_poly.pdbx_seq_one_letter_code
_entity_poly.pdbx_strand_id
1 'polypeptide(L)'
;GFRASRSHSRREEHSGRNGLHHPSPDHFWPRFPDALRPFVPWDQLENEDSSVHISPRQKRDANSSIYKGKKCRMESCFDF
TLCKKNGFKVYVYPQQKGEKIAESYQNILAAIEGSRFYTSDPSQACLFVLSLDTLDRDQLSPQYVHNLRSKVQSLHLWNN
GRNHLIFNLYSGTWPDYTEDVGFDIGQAMLAKASISTENFRPNFDVSIPLFSKDHPRTGGERGFLKFNTIPPLRKYMLVF
KGKRYLTGIGSDTRNALYHVHNGEDVVLLTTCKHGKDWQKHKDSRCDRDNTEYEKYDYREMLHNATFCLVPRGRRLGSFR
FLEALQAACVPVMLSNGWELPFSEVINWNQAAVIGDERLLLQIPSTIRSIHQDKILALRQQTQFLWEAYFSSVEKIVLTT
LEIIQDRIFKHISRNSLIWNKHPGGLFVLPQYSSYLGDFPYYYANLGLKPPSKFTAVIHAVTPLVSQSQPVLKLLVAAAK
SQYCAQIIVLWNCDKPLPAKHRWPATAVPVVVIEGESKVMSSRFLPYDNIITDAVLSLDEDTVLSTTEVDFAFTVWQSFP
ERIVGYPARSHFWDNSKERWGYTSKWTNDYSMVLTGAAIYHKYYHYLYSHYLPASLKNMVDQLANCEDILMNFLVSAVTK
LPPIKVTQKKQYKETMMGQTSRASRWADPDHFAQRQSCMNTFASWFGYMPLIHSQMRLDPVLFKDQVSILRKKYRDIERL
;
A
2 'polypeptide(L)'
;GWPHSIESSNDWNVEKRSIRDVPVVRLPADSPIPERGDLSCRMHTCFDVYRCGFNPKNKIKVYIYALKKYVDDFGVSVSN
TISREYNELLMAISDSDYYTDDINRACLFVPSIDVLNQNTLRIKETAQAMAQLSRWDRGTNHLLFNMLPGGPPDYNTALD
VPRDRALLAGGGFSTWTYRQGYDVSIPVYSPLSAEVDLPEKGPGPRQYFLLSSQVGLHPEYREDLEALQVKHGESVLVLD
KCTNLSEGVLSVRKRCHKHQVFDYPQVLQEATFCVVLRGARLGQAVLSDVLQAGCVPVVIADSYILPFSEVLDWKRASVV
VPEEKMSDVYSILQSIPQRQIEEMQRQARWFWEAYFQSIKAIALATLQIINDRIYPYAAISYEEWNDPPAVKWGSVSNPL
FLPLIPPQSQGFTAIVLTYDRVESLFRVITEVSKVPSLSKLLVVWNNQNKNPPEDSLWPKIRVPLKVVRTAENKLSNRFF
PYDEIETEAVLAIDDDIIMLTSDELQFGYEVWREFPDRLVGYPGRLHLWDHEMNKWKYESEWTNEVSMVLTGAAFYHKYF
NYLYTYKMPGDIKNWVDAHMNCEDIAMNFLVANVTGKAVIKVTPRKKFKCPECTAIDGLSLDQTHMVERSECINKFASVF
GTMPLKVVEHRADPVLYKDDFPEKLKSFPNIGSL
;
B
#
loop_
_chem_comp.id
_chem_comp.type
_chem_comp.name
_chem_comp.formula
BMA D-saccharide, beta linking beta-D-mannopyranose 'C6 H12 O6'
NAG D-saccharide, beta linking 2-acetamido-2-deoxy-beta-D-glucopyranose 'C8 H15 N O6'
#
# COMPACT_ATOMS: atom_id res chain seq x y z
N PRO A 56 20.23 15.06 29.36
CA PRO A 56 18.85 15.33 29.78
C PRO A 56 18.17 16.39 28.91
N ARG A 57 17.39 17.27 29.55
CA ARG A 57 16.79 18.37 28.82
C ARG A 57 17.86 19.30 28.25
N GLN A 58 19.00 19.39 28.92
CA GLN A 58 20.10 20.20 28.42
C GLN A 58 20.61 19.66 27.09
N LYS A 59 20.72 18.34 26.97
CA LYS A 59 21.14 17.75 25.70
C LYS A 59 20.14 18.04 24.60
N ARG A 60 18.84 17.95 24.90
CA ARG A 60 17.83 18.24 23.90
C ARG A 60 17.90 19.70 23.46
N ASP A 61 18.06 20.62 24.40
CA ASP A 61 18.19 22.03 24.05
C ASP A 61 19.44 22.29 23.23
N ALA A 62 20.56 21.65 23.58
CA ALA A 62 21.78 21.81 22.81
C ALA A 62 21.61 21.28 21.40
N ASN A 63 20.95 20.13 21.24
CA ASN A 63 20.69 19.60 19.91
C ASN A 63 19.78 20.54 19.11
N SER A 64 18.76 21.10 19.77
CA SER A 64 17.89 22.04 19.07
C SER A 64 18.65 23.26 18.60
N SER A 65 19.53 23.79 19.44
CA SER A 65 20.27 25.00 19.08
C SER A 65 21.30 24.71 17.98
N ILE A 66 22.02 23.59 18.08
CA ILE A 66 23.14 23.34 17.19
C ILE A 66 22.66 23.06 15.77
N TYR A 67 21.62 22.24 15.62
CA TYR A 67 21.22 21.74 14.30
C TYR A 67 20.06 22.54 13.71
N LYS A 68 20.03 23.85 13.93
CA LYS A 68 19.01 24.72 13.35
C LYS A 68 19.53 25.36 12.06
N GLY A 69 19.72 24.51 11.04
CA GLY A 69 20.21 24.99 9.77
C GLY A 69 19.77 24.17 8.58
N LYS A 70 20.70 23.87 7.67
CA LYS A 70 20.43 22.95 6.58
C LYS A 70 20.06 21.56 7.10
N LYS A 71 20.48 21.21 8.31
CA LYS A 71 20.21 19.92 8.91
C LYS A 71 19.05 19.95 9.90
N CYS A 72 18.03 20.78 9.61
CA CYS A 72 16.85 20.85 10.48
C CYS A 72 16.07 19.54 10.46
N ARG A 73 15.58 19.15 11.64
CA ARG A 73 14.61 18.07 11.75
C ARG A 73 13.43 18.54 12.59
N MET A 74 12.49 17.65 12.87
CA MET A 74 11.29 18.07 13.60
C MET A 74 11.57 18.32 15.07
N GLU A 75 12.39 17.47 15.69
CA GLU A 75 12.68 17.67 17.12
C GLU A 75 13.53 18.90 17.37
N SER A 76 14.10 19.52 16.34
CA SER A 76 14.87 20.74 16.48
C SER A 76 14.18 21.94 15.84
N CYS A 77 13.92 21.88 14.54
CA CYS A 77 13.30 23.01 13.83
C CYS A 77 11.80 22.85 13.70
N PHE A 78 11.11 22.70 14.83
CA PHE A 78 9.66 22.63 14.88
C PHE A 78 9.19 22.88 16.30
N ASP A 79 7.91 23.20 16.44
CA ASP A 79 7.31 23.47 17.74
C ASP A 79 6.05 22.63 17.87
N PHE A 80 6.15 21.52 18.60
CA PHE A 80 5.03 20.60 18.74
C PHE A 80 3.94 21.14 19.66
N THR A 81 4.23 22.19 20.43
CA THR A 81 3.27 22.70 21.41
C THR A 81 2.05 23.33 20.75
N LEU A 82 2.15 23.77 19.52
CA LEU A 82 1.03 24.48 18.88
C LEU A 82 -0.07 23.53 18.45
N CYS A 83 0.26 22.31 18.03
CA CYS A 83 -0.78 21.35 17.63
C CYS A 83 -1.50 20.80 18.84
N LYS A 84 -0.78 20.08 19.70
CA LYS A 84 -1.19 19.64 21.04
C LYS A 84 -2.62 19.13 21.12
N LYS A 85 -3.12 18.51 20.06
CA LYS A 85 -4.48 18.00 20.05
C LYS A 85 -4.70 17.22 18.77
N ASN A 86 -5.82 16.49 18.72
CA ASN A 86 -6.19 15.79 17.49
C ASN A 86 -6.49 16.78 16.36
N GLY A 87 -6.96 17.97 16.70
CA GLY A 87 -7.23 18.98 15.71
C GLY A 87 -5.97 19.54 15.08
N PHE A 88 -5.74 19.21 13.83
CA PHE A 88 -4.58 19.68 13.06
C PHE A 88 -5.05 20.80 12.14
N LYS A 89 -4.52 21.99 12.32
CA LYS A 89 -5.00 23.17 11.62
C LYS A 89 -3.85 23.85 10.88
N VAL A 90 -4.16 24.37 9.70
CA VAL A 90 -3.19 25.09 8.86
C VAL A 90 -3.74 26.46 8.54
N TYR A 91 -2.88 27.47 8.66
CA TYR A 91 -3.26 28.86 8.43
C TYR A 91 -2.63 29.36 7.14
N VAL A 92 -3.43 29.98 6.30
CA VAL A 92 -2.99 30.54 5.02
C VAL A 92 -2.97 32.05 5.15
N TYR A 93 -1.83 32.66 4.81
CA TYR A 93 -1.69 34.10 4.91
C TYR A 93 -2.68 34.78 3.97
N PRO A 94 -3.34 35.85 4.40
CA PRO A 94 -4.29 36.55 3.53
C PRO A 94 -3.58 37.19 2.34
N GLN A 95 -4.30 37.25 1.22
CA GLN A 95 -3.74 37.83 0.01
C GLN A 95 -3.52 39.33 0.18
N GLN A 96 -2.35 39.80 -0.25
CA GLN A 96 -2.03 41.22 -0.14
C GLN A 96 -2.69 42.06 -1.23
N LYS A 97 -3.22 41.43 -2.28
CA LYS A 97 -3.86 42.14 -3.39
C LYS A 97 -2.92 43.16 -4.03
N GLY A 98 -1.64 42.83 -4.07
CA GLY A 98 -0.64 43.70 -4.68
C GLY A 98 0.38 42.94 -5.50
N GLU A 99 0.22 41.62 -5.58
CA GLU A 99 1.16 40.77 -6.29
C GLU A 99 0.41 39.78 -7.15
N LYS A 100 1.07 39.33 -8.22
CA LYS A 100 0.47 38.35 -9.11
C LYS A 100 0.39 36.99 -8.43
N ILE A 101 -0.64 36.22 -8.79
CA ILE A 101 -0.86 34.88 -8.25
C ILE A 101 -0.89 33.91 -9.42
N ALA A 102 0.02 32.96 -9.42
CA ALA A 102 0.02 31.91 -10.43
C ALA A 102 -1.18 30.99 -10.23
N GLU A 103 -1.66 30.41 -11.32
CA GLU A 103 -2.82 29.52 -11.25
C GLU A 103 -2.52 28.27 -10.45
N SER A 104 -1.28 27.75 -10.54
CA SER A 104 -0.94 26.53 -9.81
C SER A 104 -0.89 26.80 -8.30
N TYR A 105 -0.26 27.90 -7.88
CA TYR A 105 -0.28 28.24 -6.46
C TYR A 105 -1.68 28.62 -6.00
N GLN A 106 -2.48 29.20 -6.89
CA GLN A 106 -3.87 29.46 -6.55
C GLN A 106 -4.61 28.15 -6.28
N ASN A 107 -4.35 27.13 -7.11
CA ASN A 107 -4.96 25.82 -6.87
C ASN A 107 -4.48 25.22 -5.56
N ILE A 108 -3.20 25.36 -5.26
CA ILE A 108 -2.66 24.84 -4.00
C ILE A 108 -3.34 25.51 -2.81
N LEU A 109 -3.46 26.85 -2.86
CA LEU A 109 -4.09 27.58 -1.76
C LEU A 109 -5.58 27.28 -1.67
N ALA A 110 -6.25 27.04 -2.80
CA ALA A 110 -7.65 26.64 -2.75
C ALA A 110 -7.82 25.26 -2.14
N ALA A 111 -6.90 24.34 -2.45
CA ALA A 111 -6.94 23.02 -1.84
C ALA A 111 -6.74 23.11 -0.33
N ILE A 112 -5.80 23.95 0.13
CA ILE A 112 -5.59 24.10 1.56
C ILE A 112 -6.80 24.76 2.20
N GLU A 113 -7.31 25.83 1.59
CA GLU A 113 -8.42 26.58 2.16
C GLU A 113 -9.70 25.74 2.23
N GLY A 114 -9.98 24.99 1.17
CA GLY A 114 -11.16 24.15 1.14
C GLY A 114 -11.02 22.84 1.87
N SER A 115 -9.85 22.57 2.44
CA SER A 115 -9.62 21.35 3.19
C SER A 115 -10.21 21.45 4.59
N ARG A 116 -10.07 20.38 5.36
CA ARG A 116 -10.52 20.34 6.73
C ARG A 116 -9.46 20.82 7.72
N PHE A 117 -8.25 21.12 7.24
CA PHE A 117 -7.18 21.61 8.08
C PHE A 117 -7.09 23.13 8.08
N TYR A 118 -8.00 23.83 7.40
CA TYR A 118 -7.91 25.27 7.26
C TYR A 118 -8.56 25.97 8.45
N THR A 119 -7.85 26.96 8.99
CA THR A 119 -8.38 27.82 10.05
C THR A 119 -8.01 29.26 9.73
N SER A 120 -8.88 30.19 10.13
CA SER A 120 -8.65 31.61 9.90
C SER A 120 -7.98 32.30 11.09
N ASP A 121 -7.75 31.58 12.18
CA ASP A 121 -7.16 32.18 13.38
C ASP A 121 -5.71 31.77 13.44
N PRO A 122 -4.76 32.70 13.34
CA PRO A 122 -3.34 32.32 13.38
C PRO A 122 -2.90 31.70 14.69
N SER A 123 -3.61 31.97 15.79
CA SER A 123 -3.22 31.39 17.08
C SER A 123 -3.53 29.90 17.12
N GLN A 124 -4.62 29.48 16.50
CA GLN A 124 -5.05 28.08 16.58
C GLN A 124 -4.18 27.16 15.74
N ALA A 125 -3.68 27.62 14.60
CA ALA A 125 -2.98 26.76 13.67
C ALA A 125 -1.59 26.39 14.19
N CYS A 126 -1.10 25.24 13.73
CA CYS A 126 0.26 24.81 14.00
C CYS A 126 1.02 24.50 12.71
N LEU A 127 0.55 25.06 11.59
CA LEU A 127 1.23 24.97 10.30
C LEU A 127 0.82 26.18 9.48
N PHE A 128 1.80 26.80 8.82
CA PHE A 128 1.58 28.04 8.08
C PHE A 128 1.98 27.86 6.63
N VAL A 129 1.18 28.42 5.73
CA VAL A 129 1.43 28.39 4.29
C VAL A 129 1.38 29.82 3.76
N LEU A 130 2.44 30.23 3.08
CA LEU A 130 2.50 31.57 2.52
C LEU A 130 1.57 31.68 1.30
N SER A 131 1.03 32.88 1.10
CA SER A 131 0.22 33.18 -0.07
C SER A 131 1.05 33.71 -1.23
N LEU A 132 2.33 33.97 -1.01
CA LEU A 132 3.19 34.46 -2.07
C LEU A 132 3.58 33.33 -3.03
N ASP A 133 3.90 33.70 -4.26
CA ASP A 133 4.26 32.72 -5.29
C ASP A 133 5.68 32.24 -5.04
N THR A 134 5.84 30.94 -4.79
CA THR A 134 7.14 30.35 -4.55
C THR A 134 7.40 29.15 -5.48
N LEU A 135 6.42 28.78 -6.30
CA LEU A 135 6.55 27.56 -7.09
C LEU A 135 7.68 27.68 -8.11
N ASP A 136 7.80 28.83 -8.76
CA ASP A 136 8.83 29.06 -9.78
C ASP A 136 9.84 30.06 -9.23
N ARG A 137 11.03 29.58 -8.88
CA ARG A 137 12.11 30.43 -8.39
C ARG A 137 13.16 30.71 -9.46
N ASP A 138 12.89 30.33 -10.72
CA ASP A 138 13.81 30.64 -11.80
C ASP A 138 13.71 32.12 -12.15
N GLN A 139 14.86 32.79 -12.22
CA GLN A 139 14.88 34.22 -12.51
C GLN A 139 14.46 34.52 -13.94
N LEU A 140 14.54 33.55 -14.84
CA LEU A 140 14.15 33.74 -16.24
C LEU A 140 12.69 33.41 -16.49
N SER A 141 11.97 32.90 -15.49
CA SER A 141 10.58 32.53 -15.68
C SER A 141 9.68 33.77 -15.59
N PRO A 142 8.55 33.76 -16.30
CA PRO A 142 7.60 34.88 -16.21
C PRO A 142 6.70 34.86 -14.98
N GLN A 143 6.90 33.91 -14.06
CA GLN A 143 6.15 33.88 -12.80
C GLN A 143 7.04 34.20 -11.60
N TYR A 144 8.29 34.59 -11.83
CA TYR A 144 9.18 34.91 -10.72
C TYR A 144 8.70 36.17 -10.02
N VAL A 145 8.82 36.19 -8.69
CA VAL A 145 8.41 37.32 -7.86
C VAL A 145 9.67 38.01 -7.34
N HIS A 146 9.80 39.29 -7.65
CA HIS A 146 10.98 40.04 -7.26
C HIS A 146 10.84 40.55 -5.83
N ASN A 147 12.01 40.78 -5.21
CA ASN A 147 12.10 41.31 -3.85
C ASN A 147 11.35 40.42 -2.85
N LEU A 148 11.39 39.11 -3.09
CA LEU A 148 10.70 38.17 -2.19
C LEU A 148 11.45 38.00 -0.88
N ARG A 149 12.77 38.10 -0.88
CA ARG A 149 13.55 37.91 0.34
C ARG A 149 13.18 38.95 1.39
N SER A 150 13.11 40.22 1.00
CA SER A 150 12.69 41.25 1.93
C SER A 150 11.18 41.23 2.18
N LYS A 151 10.42 40.71 1.22
CA LYS A 151 8.96 40.68 1.38
C LYS A 151 8.53 39.67 2.43
N VAL A 152 9.21 38.52 2.48
CA VAL A 152 8.85 37.50 3.46
C VAL A 152 9.29 37.87 4.87
N GLN A 153 10.34 38.68 5.01
CA GLN A 153 10.80 39.08 6.33
C GLN A 153 9.94 40.17 6.95
N SER A 154 9.11 40.83 6.15
CA SER A 154 8.19 41.84 6.68
C SER A 154 6.93 41.22 7.27
N LEU A 155 6.75 39.92 7.12
CA LEU A 155 5.55 39.26 7.63
C LEU A 155 5.59 39.18 9.15
N HIS A 156 4.42 39.43 9.78
CA HIS A 156 4.36 39.47 11.23
C HIS A 156 4.45 38.07 11.83
N LEU A 157 3.87 37.08 11.15
CA LEU A 157 3.77 35.73 11.67
C LEU A 157 4.86 34.79 11.17
N TRP A 158 5.90 35.33 10.52
CA TRP A 158 6.96 34.49 9.98
C TRP A 158 7.67 33.74 11.10
N ASN A 159 8.16 34.46 12.12
CA ASN A 159 8.86 33.87 13.26
C ASN A 159 9.96 32.94 12.75
N ASN A 160 10.81 33.47 11.88
CA ASN A 160 11.90 32.72 11.24
C ASN A 160 11.40 31.48 10.50
N GLY A 161 10.12 31.45 10.15
CA GLY A 161 9.54 30.29 9.48
C GLY A 161 9.62 29.02 10.30
N ARG A 162 9.24 29.09 11.58
CA ARG A 162 9.38 27.93 12.45
C ARG A 162 8.42 26.82 12.06
N ASN A 163 7.16 27.17 11.80
CA ASN A 163 6.15 26.17 11.45
C ASN A 163 5.49 26.49 10.11
N HIS A 164 6.31 26.83 9.12
CA HIS A 164 5.82 27.20 7.80
C HIS A 164 6.10 26.10 6.79
N LEU A 165 5.11 25.81 5.96
CA LEU A 165 5.24 24.85 4.86
C LEU A 165 5.21 25.63 3.55
N ILE A 166 6.26 25.48 2.76
CA ILE A 166 6.42 26.22 1.51
C ILE A 166 6.42 25.23 0.36
N PHE A 167 5.62 25.53 -0.66
CA PHE A 167 5.53 24.70 -1.86
C PHE A 167 6.42 25.28 -2.95
N ASN A 168 7.26 24.43 -3.55
CA ASN A 168 8.18 24.84 -4.60
C ASN A 168 8.21 23.77 -5.67
N LEU A 169 8.19 24.19 -6.94
CA LEU A 169 8.27 23.29 -8.07
C LEU A 169 9.50 23.52 -8.96
N TYR A 170 9.93 24.76 -9.12
CA TYR A 170 11.10 25.07 -9.92
C TYR A 170 12.10 25.88 -9.10
N SER A 171 13.38 25.53 -9.23
CA SER A 171 14.46 26.24 -8.57
C SER A 171 15.69 26.23 -9.47
N GLY A 172 16.56 27.21 -9.27
CA GLY A 172 17.78 27.30 -10.03
C GLY A 172 17.63 28.11 -11.31
N THR A 173 18.76 28.57 -11.82
CA THR A 173 18.83 29.39 -13.01
C THR A 173 19.53 28.58 -14.12
N TRP A 174 19.76 29.23 -15.27
CA TRP A 174 20.34 28.53 -16.41
C TRP A 174 21.68 27.87 -16.10
N PRO A 175 22.67 28.54 -15.49
CA PRO A 175 23.93 27.84 -15.21
C PRO A 175 23.90 27.06 -13.89
N ASP A 176 24.07 25.74 -13.97
CA ASP A 176 24.19 24.88 -12.80
C ASP A 176 22.96 25.01 -11.89
N TYR A 177 21.83 24.52 -12.41
CA TYR A 177 20.59 24.52 -11.66
C TYR A 177 20.78 23.93 -10.28
N THR A 178 20.31 24.65 -9.26
CA THR A 178 20.45 24.23 -7.87
C THR A 178 19.17 24.56 -7.14
N GLU A 179 19.19 24.39 -5.81
CA GLU A 179 18.03 24.69 -4.96
C GLU A 179 18.08 26.16 -4.55
N ASP A 180 17.83 27.02 -5.52
CA ASP A 180 17.87 28.47 -5.33
C ASP A 180 16.44 28.96 -5.06
N VAL A 181 16.00 28.77 -3.82
CA VAL A 181 14.69 29.26 -3.43
C VAL A 181 14.67 30.78 -3.30
N GLY A 182 15.83 31.43 -3.32
CA GLY A 182 15.90 32.87 -3.23
C GLY A 182 15.88 33.39 -1.81
N PHE A 183 14.71 33.39 -1.19
CA PHE A 183 14.60 33.88 0.18
C PHE A 183 15.14 32.86 1.16
N ASP A 184 15.64 33.35 2.29
CA ASP A 184 16.12 32.49 3.37
C ASP A 184 14.93 31.76 3.97
N ILE A 185 14.84 30.45 3.72
CA ILE A 185 13.73 29.66 4.24
C ILE A 185 13.78 29.59 5.77
N GLY A 186 14.97 29.52 6.34
CA GLY A 186 15.09 29.44 7.79
C GLY A 186 14.76 28.06 8.29
N GLN A 187 13.78 27.99 9.19
CA GLN A 187 13.34 26.73 9.77
C GLN A 187 12.19 26.08 9.01
N ALA A 188 11.69 26.73 7.96
CA ALA A 188 10.52 26.21 7.26
C ALA A 188 10.87 24.97 6.46
N MET A 189 9.99 23.98 6.52
CA MET A 189 10.13 22.78 5.72
C MET A 189 9.43 23.00 4.38
N LEU A 190 10.15 22.72 3.29
CA LEU A 190 9.67 23.03 1.95
C LEU A 190 9.21 21.75 1.26
N ALA A 191 8.01 21.81 0.67
CA ALA A 191 7.48 20.70 -0.11
C ALA A 191 7.90 20.88 -1.58
N LYS A 192 9.20 20.72 -1.79
CA LYS A 192 9.79 20.95 -3.10
C LYS A 192 9.54 19.76 -4.02
N ALA A 193 9.52 20.04 -5.34
CA ALA A 193 9.21 19.03 -6.32
C ALA A 193 10.44 18.17 -6.65
N SER A 194 11.47 18.78 -7.18
CA SER A 194 12.69 18.09 -7.59
C SER A 194 13.74 18.27 -6.50
N ILE A 195 13.87 17.28 -5.63
CA ILE A 195 14.77 17.33 -4.49
C ILE A 195 15.86 16.29 -4.69
N SER A 196 17.11 16.71 -4.50
CA SER A 196 18.22 15.77 -4.56
C SER A 196 18.34 15.00 -3.25
N THR A 197 18.93 13.81 -3.33
CA THR A 197 19.04 12.95 -2.15
C THR A 197 19.93 13.57 -1.09
N GLU A 198 21.03 14.19 -1.50
CA GLU A 198 21.96 14.80 -0.54
C GLU A 198 21.47 16.13 -0.01
N ASN A 199 20.41 16.70 -0.57
CA ASN A 199 19.83 17.94 -0.09
C ASN A 199 18.47 17.74 0.55
N PHE A 200 18.11 16.50 0.86
CA PHE A 200 16.80 16.17 1.43
C PHE A 200 16.93 15.93 2.92
N ARG A 201 16.11 16.63 3.69
CA ARG A 201 16.00 16.33 5.12
C ARG A 201 15.13 15.09 5.29
N PRO A 202 15.65 14.03 5.93
CA PRO A 202 14.97 12.71 5.85
C PRO A 202 13.53 12.71 6.34
N ASN A 203 13.22 13.45 7.40
CA ASN A 203 11.86 13.47 7.94
C ASN A 203 11.34 14.88 8.16
N PHE A 204 11.88 15.87 7.45
CA PHE A 204 11.44 17.25 7.57
C PHE A 204 10.76 17.76 6.32
N ASP A 205 11.42 17.66 5.16
CA ASP A 205 10.81 18.10 3.92
C ASP A 205 9.93 17.00 3.34
N VAL A 206 9.16 17.38 2.32
CA VAL A 206 8.32 16.45 1.58
C VAL A 206 8.59 16.61 0.10
N SER A 207 8.86 15.50 -0.58
CA SER A 207 9.01 15.50 -2.03
C SER A 207 7.64 15.35 -2.67
N ILE A 208 7.27 16.30 -3.51
CA ILE A 208 5.95 16.33 -4.11
C ILE A 208 6.11 16.21 -5.61
N PRO A 209 5.09 15.72 -6.31
CA PRO A 209 5.17 15.60 -7.76
C PRO A 209 5.17 16.96 -8.44
N LEU A 210 5.70 16.97 -9.66
CA LEU A 210 5.74 18.15 -10.51
C LEU A 210 4.59 18.08 -11.50
N PHE A 211 3.69 19.07 -11.46
CA PHE A 211 2.49 19.06 -12.27
C PHE A 211 2.36 20.36 -13.04
N SER A 212 1.61 20.30 -14.14
CA SER A 212 1.37 21.45 -15.00
C SER A 212 0.29 22.36 -14.41
N LYS A 213 0.14 23.54 -15.00
CA LYS A 213 -0.91 24.45 -14.59
C LYS A 213 -2.29 23.95 -15.01
N ASP A 214 -2.36 23.00 -15.94
CA ASP A 214 -3.61 22.40 -16.37
C ASP A 214 -3.94 21.14 -15.59
N HIS A 215 -3.14 20.80 -14.59
CA HIS A 215 -3.44 19.65 -13.75
C HIS A 215 -4.75 19.88 -13.00
N PRO A 216 -5.66 18.91 -12.98
CA PRO A 216 -6.97 19.15 -12.36
C PRO A 216 -6.85 19.51 -10.89
N ARG A 217 -7.74 20.39 -10.45
CA ARG A 217 -7.73 20.86 -9.06
C ARG A 217 -8.50 19.95 -8.13
N THR A 218 -9.66 19.43 -8.56
CA THR A 218 -10.47 18.58 -7.69
C THR A 218 -10.84 17.27 -8.36
N GLY A 219 -10.96 17.27 -9.69
CA GLY A 219 -11.42 16.11 -10.41
C GLY A 219 -10.34 15.05 -10.59
N GLY A 220 -10.75 13.92 -11.15
CA GLY A 220 -9.85 12.82 -11.42
C GLY A 220 -9.96 12.36 -12.87
N GLU A 221 -8.84 11.91 -13.42
CA GLU A 221 -8.79 11.44 -14.79
C GLU A 221 -9.07 9.95 -14.92
N ARG A 222 -9.16 9.22 -13.81
CA ARG A 222 -9.59 7.81 -13.72
C ARG A 222 -8.55 6.84 -14.26
N GLY A 223 -7.45 7.30 -14.84
CA GLY A 223 -6.43 6.41 -15.36
C GLY A 223 -6.81 5.83 -16.71
N PHE A 224 -5.83 5.20 -17.34
CA PHE A 224 -6.00 4.64 -18.68
C PHE A 224 -6.08 3.12 -18.70
N LEU A 225 -5.73 2.44 -17.62
CA LEU A 225 -5.75 0.98 -17.57
C LEU A 225 -7.20 0.52 -17.41
N LYS A 226 -7.91 0.48 -18.53
CA LYS A 226 -9.29 -0.01 -18.51
C LYS A 226 -9.34 -1.53 -18.56
N PHE A 227 -8.42 -2.16 -19.27
CA PHE A 227 -8.33 -3.61 -19.37
C PHE A 227 -7.10 -4.10 -18.65
N ASN A 228 -7.27 -5.07 -17.76
CA ASN A 228 -6.16 -5.72 -17.08
C ASN A 228 -5.84 -7.01 -17.85
N THR A 229 -5.20 -6.84 -18.99
CA THR A 229 -4.95 -7.93 -19.91
C THR A 229 -3.70 -8.72 -19.52
N ILE A 230 -3.76 -10.02 -19.71
CA ILE A 230 -2.61 -10.91 -19.58
C ILE A 230 -2.36 -11.53 -20.95
N PRO A 231 -1.12 -11.53 -21.46
CA PRO A 231 0.10 -10.99 -20.84
C PRO A 231 0.12 -9.47 -20.75
N PRO A 232 0.75 -8.93 -19.69
CA PRO A 232 0.79 -7.48 -19.52
C PRO A 232 1.64 -6.76 -20.54
N LEU A 233 2.45 -7.47 -21.32
CA LEU A 233 3.32 -6.84 -22.30
C LEU A 233 2.49 -6.19 -23.40
N ARG A 234 3.08 -5.17 -24.02
CA ARG A 234 2.43 -4.40 -25.07
C ARG A 234 3.33 -4.40 -26.31
N LYS A 235 2.96 -3.58 -27.30
CA LYS A 235 3.69 -3.58 -28.57
C LYS A 235 5.14 -3.19 -28.39
N TYR A 236 5.42 -2.18 -27.56
CA TYR A 236 6.78 -1.78 -27.26
C TYR A 236 7.18 -2.21 -25.86
N MET A 237 8.49 -2.23 -25.63
CA MET A 237 9.05 -2.63 -24.34
C MET A 237 9.52 -1.47 -23.50
N LEU A 238 10.19 -0.48 -24.10
CA LEU A 238 10.70 0.66 -23.37
C LEU A 238 10.78 1.83 -24.33
N VAL A 239 10.16 2.95 -23.96
CA VAL A 239 10.02 4.09 -24.86
C VAL A 239 10.45 5.38 -24.16
N PHE A 240 10.77 6.37 -24.99
CA PHE A 240 11.07 7.72 -24.55
C PHE A 240 11.04 8.63 -25.77
N LYS A 241 10.43 9.80 -25.61
CA LYS A 241 10.33 10.76 -26.71
C LYS A 241 10.37 12.16 -26.11
N GLY A 242 11.57 12.74 -26.07
CA GLY A 242 11.76 14.06 -25.50
C GLY A 242 12.99 14.73 -26.07
N LYS A 243 13.19 15.97 -25.66
CA LYS A 243 14.30 16.75 -26.16
C LYS A 243 15.63 16.27 -25.59
N ARG A 244 16.70 16.53 -26.33
CA ARG A 244 18.06 16.37 -25.85
C ARG A 244 18.78 17.70 -25.98
N TYR A 245 19.70 17.95 -25.06
CA TYR A 245 20.39 19.23 -24.97
C TYR A 245 21.85 19.05 -25.39
N LEU A 246 22.30 19.90 -26.31
CA LEU A 246 23.65 19.79 -26.83
C LEU A 246 24.69 20.09 -25.74
N THR A 247 24.47 21.17 -24.99
CA THR A 247 25.38 21.57 -23.93
C THR A 247 24.58 21.93 -22.68
N GLY A 248 25.22 21.77 -21.52
CA GLY A 248 24.58 22.09 -20.27
C GLY A 248 24.76 21.02 -19.21
N ILE A 249 23.75 20.86 -18.35
CA ILE A 249 23.78 19.90 -17.25
C ILE A 249 22.55 19.01 -17.36
N GLY A 250 22.75 17.70 -17.22
CA GLY A 250 21.66 16.75 -17.23
C GLY A 250 21.32 16.18 -18.58
N SER A 251 22.20 16.32 -19.58
CA SER A 251 21.96 15.77 -20.90
C SER A 251 22.84 14.55 -21.20
N ASP A 252 23.69 14.15 -20.26
CA ASP A 252 24.59 13.03 -20.51
C ASP A 252 23.82 11.73 -20.73
N THR A 253 22.79 11.48 -19.91
CA THR A 253 22.00 10.27 -20.07
C THR A 253 21.13 10.33 -21.32
N ARG A 254 20.69 11.53 -21.71
CA ARG A 254 19.86 11.66 -22.89
C ARG A 254 20.66 11.55 -24.18
N ASN A 255 21.96 11.87 -24.14
CA ASN A 255 22.79 11.78 -25.33
C ASN A 255 23.20 10.35 -25.65
N ALA A 256 23.07 9.43 -24.71
CA ALA A 256 23.54 8.05 -24.88
C ALA A 256 22.42 7.06 -25.14
N LEU A 257 21.23 7.55 -25.51
CA LEU A 257 20.11 6.65 -25.75
C LEU A 257 20.15 5.98 -27.12
N TYR A 258 20.98 6.49 -28.04
CA TYR A 258 21.06 5.87 -29.36
C TYR A 258 21.79 4.53 -29.33
N HIS A 259 22.69 4.33 -28.36
CA HIS A 259 23.32 3.02 -28.20
C HIS A 259 22.27 1.95 -27.87
N VAL A 260 21.35 2.29 -26.98
CA VAL A 260 20.34 1.31 -26.54
C VAL A 260 19.11 1.30 -27.44
N HIS A 261 18.96 2.30 -28.31
CA HIS A 261 17.86 2.29 -29.27
C HIS A 261 17.93 1.05 -30.15
N ASN A 262 16.77 0.42 -30.37
CA ASN A 262 16.71 -0.82 -31.12
C ASN A 262 15.76 -0.67 -32.30
N GLY A 263 14.65 0.05 -32.09
CA GLY A 263 13.68 0.27 -33.12
C GLY A 263 12.51 -0.70 -33.13
N GLU A 264 12.64 -1.84 -32.45
CA GLU A 264 11.57 -2.83 -32.39
C GLU A 264 10.89 -2.84 -31.03
N ASP A 265 11.66 -3.03 -29.95
CA ASP A 265 11.12 -3.03 -28.59
C ASP A 265 11.58 -1.83 -27.77
N VAL A 266 12.83 -1.43 -27.89
CA VAL A 266 13.37 -0.28 -27.19
C VAL A 266 13.55 0.83 -28.22
N VAL A 267 12.58 1.73 -28.29
CA VAL A 267 12.60 2.85 -29.24
C VAL A 267 12.68 4.14 -28.44
N LEU A 268 13.81 4.84 -28.56
CA LEU A 268 14.05 6.10 -27.88
C LEU A 268 14.39 7.17 -28.91
N LEU A 269 13.67 8.29 -28.87
CA LEU A 269 13.79 9.34 -29.87
C LEU A 269 14.11 10.65 -29.19
N THR A 270 15.12 11.36 -29.69
CA THR A 270 15.56 12.63 -29.12
C THR A 270 15.78 13.64 -30.23
N THR A 271 15.58 14.92 -29.90
CA THR A 271 15.85 16.04 -30.79
C THR A 271 16.64 17.11 -30.07
N CYS A 272 17.62 17.68 -30.78
CA CYS A 272 18.39 18.80 -30.26
C CYS A 272 17.73 20.15 -30.55
N LYS A 273 16.60 20.16 -31.26
CA LYS A 273 15.93 21.40 -31.61
C LYS A 273 15.23 21.98 -30.39
N HIS A 274 15.92 22.85 -29.66
CA HIS A 274 15.37 23.43 -28.43
C HIS A 274 15.69 24.92 -28.36
N GLY A 275 15.62 25.62 -29.49
CA GLY A 275 15.89 27.04 -29.49
C GLY A 275 16.82 27.48 -30.60
N LYS A 276 17.75 28.38 -30.29
CA LYS A 276 18.65 28.91 -31.30
C LYS A 276 19.57 27.82 -31.86
N ASP A 277 19.87 26.80 -31.07
CA ASP A 277 20.74 25.71 -31.51
C ASP A 277 20.04 24.74 -32.45
N TRP A 278 18.86 25.09 -32.97
CA TRP A 278 18.18 24.20 -33.90
C TRP A 278 18.99 23.98 -35.16
N GLN A 279 19.80 24.97 -35.56
CA GLN A 279 20.73 24.80 -36.67
C GLN A 279 22.11 25.39 -36.40
N LYS A 280 22.36 26.00 -35.24
CA LYS A 280 23.61 26.71 -35.01
C LYS A 280 24.74 25.74 -34.66
N HIS A 281 24.59 25.00 -33.57
CA HIS A 281 25.64 24.12 -33.07
C HIS A 281 25.26 22.64 -33.15
N LYS A 282 24.41 22.28 -34.10
CA LYS A 282 23.98 20.89 -34.23
C LYS A 282 25.17 19.98 -34.51
N ASP A 283 25.20 18.84 -33.84
CA ASP A 283 26.30 17.89 -33.97
C ASP A 283 26.07 17.01 -35.21
N SER A 284 26.86 15.94 -35.32
CA SER A 284 26.78 15.03 -36.45
C SER A 284 25.68 13.98 -36.29
N ARG A 285 24.72 14.19 -35.39
CA ARG A 285 23.62 13.25 -35.19
C ARG A 285 22.25 13.89 -35.14
N CYS A 286 22.16 15.23 -35.11
CA CYS A 286 20.84 15.87 -35.04
C CYS A 286 20.00 15.56 -36.26
N ASP A 287 20.60 15.52 -37.45
CA ASP A 287 19.82 15.27 -38.66
C ASP A 287 19.12 13.92 -38.59
N ARG A 288 19.88 12.85 -38.33
CA ARG A 288 19.28 11.52 -38.26
C ARG A 288 18.32 11.41 -37.07
N ASP A 289 18.68 12.01 -35.93
CA ASP A 289 17.81 11.95 -34.76
C ASP A 289 16.46 12.60 -35.04
N ASN A 290 16.47 13.77 -35.69
CA ASN A 290 15.23 14.47 -35.99
C ASN A 290 14.42 13.75 -37.07
N THR A 291 15.09 13.16 -38.06
CA THR A 291 14.35 12.38 -39.05
C THR A 291 13.67 11.18 -38.42
N GLU A 292 14.34 10.48 -37.51
CA GLU A 292 13.73 9.35 -36.85
C GLU A 292 12.64 9.79 -35.87
N TYR A 293 12.81 10.95 -35.23
CA TYR A 293 11.86 11.41 -34.22
C TYR A 293 10.48 11.63 -34.83
N GLU A 294 10.42 12.26 -36.00
CA GLU A 294 9.15 12.60 -36.62
C GLU A 294 8.53 11.37 -37.31
N LYS A 295 8.29 10.35 -36.49
CA LYS A 295 7.64 9.13 -36.95
C LYS A 295 6.54 8.63 -36.03
N TYR A 296 6.49 9.08 -34.78
CA TYR A 296 5.48 8.61 -33.83
C TYR A 296 4.74 9.80 -33.20
N ASP A 297 3.93 9.54 -32.18
CA ASP A 297 3.05 10.56 -31.62
C ASP A 297 3.34 10.93 -30.17
N TYR A 298 4.10 10.11 -29.44
CA TYR A 298 4.43 10.30 -28.03
C TYR A 298 3.22 10.04 -27.14
N ARG A 299 2.06 9.82 -27.74
CA ARG A 299 0.87 9.38 -27.03
C ARG A 299 0.44 7.99 -27.43
N GLU A 300 0.52 7.64 -28.71
CA GLU A 300 0.34 6.25 -29.13
C GLU A 300 1.48 5.38 -28.63
N MET A 301 2.69 5.92 -28.60
CA MET A 301 3.85 5.19 -28.13
C MET A 301 3.97 5.16 -26.61
N LEU A 302 3.13 5.90 -25.89
CA LEU A 302 3.11 5.86 -24.44
C LEU A 302 2.11 4.85 -23.91
N HIS A 303 0.98 4.68 -24.59
CA HIS A 303 -0.04 3.73 -24.19
C HIS A 303 0.19 2.34 -24.75
N ASN A 304 1.20 2.17 -25.61
CA ASN A 304 1.52 0.87 -26.19
C ASN A 304 2.86 0.34 -25.69
N ALA A 305 3.34 0.83 -24.55
CA ALA A 305 4.62 0.44 -24.00
C ALA A 305 4.44 -0.10 -22.59
N THR A 306 5.19 -1.15 -22.26
CA THR A 306 5.13 -1.72 -20.92
C THR A 306 5.90 -0.86 -19.92
N PHE A 307 7.01 -0.26 -20.35
CA PHE A 307 7.84 0.57 -19.49
C PHE A 307 8.09 1.91 -20.16
N CYS A 308 8.08 2.98 -19.36
CA CYS A 308 8.36 4.32 -19.84
C CYS A 308 9.60 4.85 -19.13
N LEU A 309 10.57 5.31 -19.92
CA LEU A 309 11.80 5.85 -19.36
C LEU A 309 11.57 7.29 -18.90
N VAL A 310 12.02 7.60 -17.70
CA VAL A 310 11.87 8.94 -17.13
C VAL A 310 13.26 9.42 -16.70
N PRO A 311 14.06 9.96 -17.61
CA PRO A 311 15.42 10.37 -17.27
C PRO A 311 15.47 11.82 -16.77
N ARG A 312 16.65 12.18 -16.28
CA ARG A 312 16.87 13.55 -15.80
C ARG A 312 17.01 14.51 -16.97
N GLY A 313 16.28 15.63 -16.90
CA GLY A 313 16.45 16.70 -17.86
C GLY A 313 17.36 17.77 -17.29
N ARG A 314 16.94 19.04 -17.40
CA ARG A 314 17.65 20.10 -16.69
C ARG A 314 17.52 19.92 -15.19
N ARG A 315 16.35 19.53 -14.72
CA ARG A 315 16.10 19.27 -13.31
C ARG A 315 15.76 17.79 -13.11
N LEU A 316 15.93 17.33 -11.87
CA LEU A 316 15.73 15.91 -11.57
C LEU A 316 14.29 15.49 -11.83
N GLY A 317 13.34 16.30 -11.40
CA GLY A 317 11.94 16.01 -11.67
C GLY A 317 11.58 16.29 -13.12
N SER A 318 10.43 15.77 -13.52
CA SER A 318 9.98 15.95 -14.89
C SER A 318 8.48 15.78 -14.96
N PHE A 319 7.89 16.34 -16.03
CA PHE A 319 6.46 16.20 -16.29
C PHE A 319 6.09 14.79 -16.73
N ARG A 320 7.07 13.97 -17.11
CA ARG A 320 6.79 12.65 -17.66
C ARG A 320 6.41 11.64 -16.59
N PHE A 321 6.70 11.91 -15.32
CA PHE A 321 6.41 10.95 -14.26
C PHE A 321 4.91 10.75 -14.10
N LEU A 322 4.17 11.85 -13.95
CA LEU A 322 2.72 11.76 -13.78
C LEU A 322 2.05 11.20 -15.04
N GLU A 323 2.57 11.57 -16.21
CA GLU A 323 2.05 10.98 -17.44
C GLU A 323 2.27 9.48 -17.48
N ALA A 324 3.43 9.02 -17.02
CA ALA A 324 3.72 7.59 -16.99
C ALA A 324 2.77 6.86 -16.03
N LEU A 325 2.54 7.44 -14.85
CA LEU A 325 1.59 6.82 -13.93
C LEU A 325 0.16 6.83 -14.47
N GLN A 326 -0.24 7.89 -15.16
CA GLN A 326 -1.58 7.89 -15.75
C GLN A 326 -1.70 6.86 -16.87
N ALA A 327 -0.64 6.69 -17.67
CA ALA A 327 -0.66 5.79 -18.81
C ALA A 327 -0.55 4.32 -18.42
N ALA A 328 -0.37 4.02 -17.13
CA ALA A 328 -0.22 2.69 -16.57
C ALA A 328 1.10 2.03 -16.95
N CYS A 329 1.92 2.66 -17.77
CA CYS A 329 3.24 2.12 -18.07
C CYS A 329 4.15 2.29 -16.86
N VAL A 330 4.90 1.24 -16.55
CA VAL A 330 5.76 1.24 -15.37
C VAL A 330 6.93 2.20 -15.62
N PRO A 331 7.09 3.25 -14.82
CA PRO A 331 8.20 4.18 -15.05
C PRO A 331 9.52 3.59 -14.59
N VAL A 332 10.54 3.75 -15.44
CA VAL A 332 11.90 3.33 -15.15
C VAL A 332 12.73 4.60 -14.97
N MET A 333 13.00 4.95 -13.71
CA MET A 333 13.67 6.21 -13.41
C MET A 333 15.17 6.07 -13.59
N LEU A 334 15.78 7.06 -14.22
CA LEU A 334 17.22 7.07 -14.44
C LEU A 334 17.94 8.20 -13.73
N SER A 335 17.24 9.26 -13.33
CA SER A 335 17.85 10.38 -12.63
C SER A 335 18.46 9.93 -11.31
N ASN A 336 19.79 10.01 -11.20
CA ASN A 336 20.44 9.68 -9.95
C ASN A 336 20.17 10.73 -8.90
N GLY A 337 20.03 10.29 -7.66
CA GLY A 337 19.83 11.20 -6.54
C GLY A 337 18.54 11.98 -6.61
N TRP A 338 17.44 11.32 -6.92
CA TRP A 338 16.12 11.92 -6.91
C TRP A 338 15.29 11.32 -5.79
N GLU A 339 14.75 12.19 -4.93
CA GLU A 339 13.78 11.76 -3.93
C GLU A 339 12.41 11.73 -4.58
N LEU A 340 11.87 10.53 -4.76
CA LEU A 340 10.61 10.36 -5.46
C LEU A 340 9.48 10.98 -4.64
N PRO A 341 8.39 11.36 -5.30
CA PRO A 341 7.26 11.95 -4.57
C PRO A 341 6.76 11.03 -3.47
N PHE A 342 6.81 11.54 -2.24
CA PHE A 342 6.38 10.80 -1.05
C PHE A 342 7.18 9.52 -0.87
N SER A 343 8.49 9.61 -1.10
CA SER A 343 9.36 8.44 -0.96
C SER A 343 9.45 7.98 0.48
N GLU A 344 9.41 8.91 1.43
CA GLU A 344 9.38 8.56 2.85
C GLU A 344 8.07 7.92 3.27
N VAL A 345 7.08 7.91 2.38
CA VAL A 345 5.75 7.36 2.70
C VAL A 345 5.30 6.29 1.72
N ILE A 346 5.76 6.29 0.47
CA ILE A 346 5.33 5.33 -0.54
C ILE A 346 6.51 4.46 -0.93
N ASN A 347 6.27 3.15 -0.98
CA ASN A 347 7.28 2.19 -1.43
C ASN A 347 7.26 2.18 -2.96
N TRP A 348 8.28 2.77 -3.58
CA TRP A 348 8.35 2.89 -5.02
C TRP A 348 8.93 1.67 -5.71
N ASN A 349 9.47 0.71 -4.95
CA ASN A 349 9.89 -0.55 -5.54
C ASN A 349 8.70 -1.38 -6.01
N GLN A 350 7.52 -1.11 -5.46
CA GLN A 350 6.32 -1.86 -5.82
C GLN A 350 5.52 -1.20 -6.93
N ALA A 351 5.91 -0.01 -7.38
CA ALA A 351 5.13 0.73 -8.37
C ALA A 351 5.97 1.21 -9.56
N ALA A 352 7.28 0.95 -9.55
CA ALA A 352 8.14 1.45 -10.60
C ALA A 352 9.47 0.71 -10.54
N VAL A 353 10.34 1.00 -11.50
CA VAL A 353 11.68 0.44 -11.56
C VAL A 353 12.68 1.58 -11.41
N ILE A 354 13.68 1.37 -10.56
CA ILE A 354 14.72 2.37 -10.31
C ILE A 354 16.04 1.79 -10.80
N GLY A 355 16.67 2.48 -11.73
CA GLY A 355 17.96 2.05 -12.26
C GLY A 355 18.95 3.18 -12.38
N ASP A 356 20.21 2.91 -12.03
CA ASP A 356 21.24 3.93 -12.09
C ASP A 356 21.58 4.24 -13.55
N GLU A 357 21.62 5.52 -13.89
CA GLU A 357 21.92 5.92 -15.25
C GLU A 357 23.39 5.70 -15.61
N ARG A 358 24.26 5.46 -14.63
CA ARG A 358 25.62 5.05 -14.94
C ARG A 358 25.63 3.68 -15.62
N LEU A 359 24.72 2.81 -15.22
CA LEU A 359 24.54 1.51 -15.87
C LEU A 359 23.44 1.61 -16.94
N LEU A 360 23.64 2.53 -17.88
CA LEU A 360 22.62 2.83 -18.87
C LEU A 360 22.52 1.74 -19.94
N LEU A 361 23.66 1.22 -20.39
CA LEU A 361 23.67 0.36 -21.57
C LEU A 361 22.92 -0.94 -21.33
N GLN A 362 23.06 -1.52 -20.13
CA GLN A 362 22.48 -2.82 -19.83
C GLN A 362 21.10 -2.73 -19.19
N ILE A 363 20.46 -1.56 -19.23
CA ILE A 363 19.10 -1.44 -18.69
C ILE A 363 18.10 -2.36 -19.40
N PRO A 364 18.07 -2.44 -20.74
CA PRO A 364 17.05 -3.28 -21.38
C PRO A 364 17.13 -4.74 -20.97
N SER A 365 18.33 -5.28 -20.75
CA SER A 365 18.44 -6.66 -20.27
C SER A 365 17.80 -6.81 -18.90
N THR A 366 18.04 -5.85 -18.00
CA THR A 366 17.43 -5.89 -16.69
C THR A 366 15.91 -5.80 -16.78
N ILE A 367 15.41 -4.95 -17.67
CA ILE A 367 13.97 -4.79 -17.80
C ILE A 367 13.34 -6.05 -18.38
N ARG A 368 14.03 -6.69 -19.32
CA ARG A 368 13.55 -7.97 -19.85
C ARG A 368 13.56 -9.06 -18.78
N SER A 369 14.54 -9.03 -17.88
CA SER A 369 14.62 -10.03 -16.83
C SER A 369 13.51 -9.92 -15.80
N ILE A 370 12.75 -8.83 -15.80
CA ILE A 370 11.67 -8.66 -14.83
C ILE A 370 10.54 -9.63 -15.15
N HIS A 371 10.07 -10.34 -14.14
CA HIS A 371 9.10 -11.41 -14.34
C HIS A 371 7.73 -10.84 -14.67
N GLN A 372 6.87 -11.71 -15.20
CA GLN A 372 5.57 -11.29 -15.72
C GLN A 372 4.62 -10.86 -14.60
N ASP A 373 4.52 -11.66 -13.54
CA ASP A 373 3.66 -11.31 -12.42
C ASP A 373 4.14 -10.04 -11.73
N LYS A 374 5.46 -9.83 -11.69
CA LYS A 374 5.98 -8.57 -11.16
C LYS A 374 5.51 -7.39 -12.01
N ILE A 375 5.49 -7.57 -13.34
CA ILE A 375 4.98 -6.52 -14.22
C ILE A 375 3.51 -6.25 -13.94
N LEU A 376 2.73 -7.30 -13.74
CA LEU A 376 1.31 -7.12 -13.42
C LEU A 376 1.13 -6.33 -12.13
N ALA A 377 1.89 -6.70 -11.09
CA ALA A 377 1.78 -6.01 -9.81
C ALA A 377 2.19 -4.56 -9.93
N LEU A 378 3.29 -4.29 -10.64
CA LEU A 378 3.74 -2.91 -10.84
C LEU A 378 2.69 -2.10 -11.59
N ARG A 379 2.10 -2.67 -12.63
CA ARG A 379 1.11 -1.97 -13.43
C ARG A 379 -0.14 -1.64 -12.63
N GLN A 380 -0.57 -2.55 -11.75
CA GLN A 380 -1.73 -2.24 -10.92
C GLN A 380 -1.39 -1.22 -9.82
N GLN A 381 -0.20 -1.34 -9.23
CA GLN A 381 0.22 -0.40 -8.20
C GLN A 381 0.33 1.02 -8.75
N THR A 382 0.79 1.15 -9.99
CA THR A 382 0.87 2.45 -10.64
C THR A 382 -0.51 3.11 -10.70
N GLN A 383 -1.51 2.36 -11.13
CA GLN A 383 -2.87 2.91 -11.21
C GLN A 383 -3.40 3.27 -9.83
N PHE A 384 -3.14 2.43 -8.83
CA PHE A 384 -3.60 2.76 -7.49
C PHE A 384 -2.99 4.06 -6.99
N LEU A 385 -1.67 4.22 -7.19
CA LEU A 385 -1.00 5.44 -6.76
C LEU A 385 -1.54 6.66 -7.50
N TRP A 386 -1.78 6.52 -8.81
CA TRP A 386 -2.33 7.64 -9.58
C TRP A 386 -3.70 8.04 -9.05
N GLU A 387 -4.59 7.07 -8.82
CA GLU A 387 -5.93 7.41 -8.38
C GLU A 387 -5.98 7.82 -6.92
N ALA A 388 -4.92 7.53 -6.15
CA ALA A 388 -4.95 7.84 -4.72
C ALA A 388 -4.29 9.18 -4.40
N TYR A 389 -3.07 9.41 -4.88
CA TYR A 389 -2.29 10.55 -4.41
C TYR A 389 -1.87 11.54 -5.49
N PHE A 390 -2.06 11.23 -6.77
CA PHE A 390 -1.54 12.09 -7.82
C PHE A 390 -2.57 12.57 -8.82
N SER A 391 -3.84 12.15 -8.70
CA SER A 391 -4.82 12.45 -9.73
C SER A 391 -5.18 13.93 -9.79
N SER A 392 -4.98 14.68 -8.71
CA SER A 392 -5.38 16.08 -8.69
C SER A 392 -4.47 16.85 -7.74
N VAL A 393 -4.49 18.18 -7.88
CA VAL A 393 -3.71 19.05 -7.00
C VAL A 393 -4.23 18.92 -5.57
N GLU A 394 -5.54 18.77 -5.40
CA GLU A 394 -6.09 18.59 -4.06
C GLU A 394 -5.51 17.35 -3.40
N LYS A 395 -5.43 16.24 -4.14
CA LYS A 395 -4.88 15.01 -3.57
C LYS A 395 -3.41 15.19 -3.17
N ILE A 396 -2.63 15.89 -4.00
CA ILE A 396 -1.22 16.11 -3.68
C ILE A 396 -1.08 16.96 -2.43
N VAL A 397 -1.85 18.04 -2.34
CA VAL A 397 -1.75 18.94 -1.19
C VAL A 397 -2.19 18.23 0.09
N LEU A 398 -3.32 17.52 0.03
CA LEU A 398 -3.77 16.78 1.20
C LEU A 398 -2.81 15.67 1.57
N THR A 399 -2.15 15.04 0.60
CA THR A 399 -1.12 14.05 0.93
C THR A 399 0.03 14.69 1.68
N THR A 400 0.47 15.87 1.23
CA THR A 400 1.55 16.56 1.94
C THR A 400 1.13 16.93 3.35
N LEU A 401 -0.08 17.46 3.52
CA LEU A 401 -0.55 17.84 4.85
C LEU A 401 -0.70 16.63 5.76
N GLU A 402 -1.19 15.50 5.22
CA GLU A 402 -1.36 14.31 6.04
C GLU A 402 -0.01 13.69 6.41
N ILE A 403 0.96 13.75 5.51
CA ILE A 403 2.31 13.29 5.84
C ILE A 403 2.91 14.14 6.95
N ILE A 404 2.71 15.46 6.88
CA ILE A 404 3.16 16.33 7.96
C ILE A 404 2.44 15.98 9.26
N GLN A 405 1.13 15.73 9.19
CA GLN A 405 0.34 15.42 10.37
C GLN A 405 0.81 14.13 11.03
N ASP A 406 1.21 13.14 10.23
CA ASP A 406 1.67 11.88 10.78
C ASP A 406 2.95 12.01 11.60
N ARG A 407 3.67 13.12 11.48
CA ARG A 407 4.89 13.33 12.25
C ARG A 407 4.64 13.90 13.64
N ILE A 408 3.43 14.38 13.93
CA ILE A 408 3.17 15.02 15.21
C ILE A 408 3.00 13.98 16.31
N PHE A 409 2.00 13.12 16.17
CA PHE A 409 1.75 12.02 17.09
C PHE A 409 2.22 10.72 16.43
N LYS A 410 3.36 10.20 16.88
CA LYS A 410 3.88 8.98 16.29
C LYS A 410 3.11 7.74 16.73
N HIS A 411 2.34 7.83 17.81
CA HIS A 411 1.49 6.73 18.23
C HIS A 411 0.10 6.77 17.60
N ILE A 412 -0.24 7.85 16.91
CA ILE A 412 -1.48 7.94 16.14
C ILE A 412 -1.06 8.32 14.72
N SER A 413 -0.85 7.31 13.88
CA SER A 413 -0.31 7.53 12.55
C SER A 413 -0.66 6.34 11.68
N ARG A 414 -0.20 6.37 10.44
CA ARG A 414 -0.49 5.34 9.46
C ARG A 414 0.76 4.50 9.24
N ASN A 415 0.60 3.18 9.28
CA ASN A 415 1.72 2.29 9.07
C ASN A 415 2.11 2.27 7.60
N SER A 416 3.19 1.54 7.29
CA SER A 416 3.68 1.44 5.92
C SER A 416 2.76 0.64 5.02
N LEU A 417 1.68 0.08 5.55
CA LEU A 417 0.76 -0.73 4.77
C LEU A 417 -0.47 0.06 4.31
N ILE A 418 -0.97 0.98 5.14
CA ILE A 418 -2.13 1.79 4.75
C ILE A 418 -1.81 2.63 3.52
N TRP A 419 -0.64 3.27 3.50
CA TRP A 419 -0.27 4.14 2.38
C TRP A 419 -0.16 3.36 1.08
N ASN A 420 0.49 2.19 1.13
CA ASN A 420 0.79 1.42 -0.07
C ASN A 420 -0.28 0.38 -0.38
N LYS A 421 -1.50 0.56 0.12
CA LYS A 421 -2.58 -0.39 -0.15
C LYS A 421 -3.89 0.38 -0.26
N HIS A 422 -4.84 -0.25 -0.94
CA HIS A 422 -6.16 0.36 -1.11
C HIS A 422 -6.83 0.54 0.24
N PRO A 423 -7.59 1.63 0.45
CA PRO A 423 -7.85 2.74 -0.48
C PRO A 423 -6.83 3.87 -0.41
N GLY A 424 -5.89 3.77 0.51
CA GLY A 424 -4.88 4.79 0.70
C GLY A 424 -5.05 5.52 2.03
N GLY A 425 -4.06 6.38 2.31
CA GLY A 425 -4.04 7.09 3.57
C GLY A 425 -4.98 8.27 3.65
N LEU A 426 -5.48 8.75 2.50
CA LEU A 426 -6.39 9.89 2.52
C LEU A 426 -7.76 9.50 3.07
N PHE A 427 -8.20 8.27 2.83
CA PHE A 427 -9.48 7.79 3.32
C PHE A 427 -9.35 6.98 4.60
N VAL A 428 -8.14 6.81 5.12
CA VAL A 428 -7.90 6.06 6.34
C VAL A 428 -7.32 7.04 7.36
N LEU A 429 -8.13 7.46 8.32
CA LEU A 429 -7.72 8.44 9.31
C LEU A 429 -7.24 7.70 10.56
N PRO A 430 -5.97 7.84 10.95
CA PRO A 430 -5.46 7.09 12.11
C PRO A 430 -6.05 7.52 13.44
N GLN A 431 -6.68 8.70 13.52
CA GLN A 431 -7.26 9.13 14.78
C GLN A 431 -8.42 8.24 15.20
N TYR A 432 -9.09 7.61 14.22
CA TYR A 432 -10.10 6.60 14.54
C TYR A 432 -9.46 5.43 15.28
N SER A 433 -8.41 4.85 14.69
CA SER A 433 -7.65 3.77 15.29
C SER A 433 -6.40 3.54 14.46
N SER A 434 -5.29 3.25 15.13
CA SER A 434 -4.07 2.84 14.46
C SER A 434 -4.03 1.35 14.20
N TYR A 435 -5.05 0.61 14.61
CA TYR A 435 -5.12 -0.83 14.43
C TYR A 435 -5.79 -1.15 13.10
N LEU A 436 -5.15 -2.00 12.30
CA LEU A 436 -5.66 -2.33 10.99
C LEU A 436 -6.95 -3.13 11.03
N GLY A 437 -7.18 -3.87 12.12
CA GLY A 437 -8.38 -4.69 12.21
C GLY A 437 -9.66 -3.92 12.44
N ASP A 438 -9.56 -2.64 12.79
CA ASP A 438 -10.73 -1.78 12.94
C ASP A 438 -11.20 -1.18 11.62
N PHE A 439 -10.49 -1.46 10.53
CA PHE A 439 -10.87 -0.99 9.21
C PHE A 439 -11.40 -2.15 8.36
N PRO A 440 -12.40 -1.92 7.52
CA PRO A 440 -12.94 -3.01 6.69
C PRO A 440 -12.03 -3.44 5.55
N TYR A 441 -10.99 -2.68 5.24
CA TYR A 441 -10.22 -2.91 4.02
C TYR A 441 -9.08 -3.89 4.18
N TYR A 442 -8.71 -4.25 5.41
CA TYR A 442 -7.45 -4.98 5.62
C TYR A 442 -7.67 -6.34 6.28
N TYR A 443 -8.64 -7.10 5.79
CA TYR A 443 -8.86 -8.44 6.32
C TYR A 443 -8.07 -9.50 5.56
N ALA A 444 -8.00 -9.38 4.23
CA ALA A 444 -7.22 -10.33 3.45
C ALA A 444 -5.73 -10.18 3.71
N ASN A 445 -5.26 -8.95 3.87
CA ASN A 445 -3.84 -8.72 4.17
C ASN A 445 -3.47 -9.32 5.52
N LEU A 446 -4.36 -9.22 6.51
CA LEU A 446 -4.19 -9.91 7.78
C LEU A 446 -4.79 -11.30 7.66
N GLY A 447 -4.95 -11.98 8.80
CA GLY A 447 -5.60 -13.27 8.81
C GLY A 447 -6.87 -13.24 9.62
N LEU A 448 -7.62 -12.16 9.49
CA LEU A 448 -8.79 -11.90 10.33
C LEU A 448 -10.07 -11.99 9.50
N LYS A 449 -11.06 -12.67 10.06
CA LYS A 449 -12.38 -12.72 9.49
C LYS A 449 -13.18 -11.48 9.89
N PRO A 450 -14.17 -11.09 9.09
CA PRO A 450 -14.96 -9.91 9.46
C PRO A 450 -15.77 -10.18 10.72
N PRO A 451 -16.12 -9.13 11.45
CA PRO A 451 -16.81 -9.32 12.73
C PRO A 451 -18.13 -10.07 12.55
N SER A 452 -18.42 -10.93 13.52
CA SER A 452 -19.63 -11.75 13.51
C SER A 452 -20.79 -11.10 14.26
N LYS A 453 -20.59 -9.89 14.79
CA LYS A 453 -21.61 -9.20 15.57
C LYS A 453 -21.78 -7.79 15.03
N PHE A 454 -23.02 -7.30 15.05
CA PHE A 454 -23.32 -5.96 14.58
C PHE A 454 -24.12 -5.20 15.63
N THR A 455 -24.24 -3.89 15.41
CA THR A 455 -24.94 -2.98 16.31
C THR A 455 -26.10 -2.34 15.55
N ALA A 456 -27.29 -2.40 16.13
CA ALA A 456 -28.46 -1.79 15.51
C ALA A 456 -28.61 -0.35 16.00
N VAL A 457 -28.73 0.57 15.05
CA VAL A 457 -28.91 1.99 15.35
C VAL A 457 -30.19 2.45 14.66
N ILE A 458 -31.14 2.95 15.46
CA ILE A 458 -32.42 3.40 14.95
C ILE A 458 -32.55 4.90 15.24
N HIS A 459 -32.78 5.68 14.19
CA HIS A 459 -32.94 7.12 14.31
C HIS A 459 -34.44 7.42 14.34
N ALA A 460 -34.95 7.78 15.51
CA ALA A 460 -36.38 8.01 15.71
C ALA A 460 -36.66 9.50 15.81
N VAL A 461 -37.72 9.94 15.13
CA VAL A 461 -38.12 11.34 15.16
C VAL A 461 -39.42 11.49 15.94
N GLN A 469 -47.03 0.68 17.25
CA GLN A 469 -46.20 1.37 16.26
C GLN A 469 -45.19 0.42 15.64
N PRO A 470 -44.88 0.64 14.36
CA PRO A 470 -43.87 -0.22 13.70
C PRO A 470 -42.50 -0.19 14.37
N VAL A 471 -42.14 0.94 14.99
CA VAL A 471 -40.82 1.03 15.62
C VAL A 471 -40.73 0.05 16.79
N LEU A 472 -41.82 -0.17 17.51
CA LEU A 472 -41.81 -1.15 18.58
C LEU A 472 -41.66 -2.56 18.04
N LYS A 473 -42.38 -2.88 16.96
CA LYS A 473 -42.21 -4.19 16.31
C LYS A 473 -40.82 -4.32 15.72
N LEU A 474 -40.28 -3.22 15.18
CA LEU A 474 -38.96 -3.26 14.57
C LEU A 474 -37.88 -3.58 15.59
N LEU A 475 -37.99 -3.01 16.79
CA LEU A 475 -37.01 -3.29 17.84
C LEU A 475 -37.07 -4.76 18.27
N VAL A 476 -38.28 -5.30 18.39
CA VAL A 476 -38.43 -6.71 18.78
C VAL A 476 -37.89 -7.63 17.70
N ALA A 477 -38.22 -7.36 16.44
CA ALA A 477 -37.77 -8.21 15.34
C ALA A 477 -36.25 -8.20 15.21
N ALA A 478 -35.64 -7.02 15.30
CA ALA A 478 -34.19 -6.92 15.18
C ALA A 478 -33.48 -7.59 16.35
N ALA A 479 -34.06 -7.50 17.54
CA ALA A 479 -33.42 -8.07 18.73
C ALA A 479 -33.31 -9.59 18.64
N LYS A 480 -34.28 -10.24 18.00
CA LYS A 480 -34.26 -11.70 17.90
C LYS A 480 -33.13 -12.22 17.03
N SER A 481 -32.44 -11.37 16.29
CA SER A 481 -31.34 -11.81 15.44
C SER A 481 -30.18 -12.33 16.29
N GLN A 482 -29.59 -13.43 15.84
CA GLN A 482 -28.48 -14.03 16.58
C GLN A 482 -27.21 -13.21 16.45
N TYR A 483 -27.12 -12.32 15.46
CA TYR A 483 -25.95 -11.49 15.26
C TYR A 483 -26.06 -10.11 15.90
N CYS A 484 -27.16 -9.84 16.60
CA CYS A 484 -27.38 -8.53 17.19
C CYS A 484 -26.90 -8.53 18.63
N ALA A 485 -25.98 -7.62 18.95
CA ALA A 485 -25.45 -7.52 20.30
C ALA A 485 -26.13 -6.43 21.11
N GLN A 486 -26.37 -5.26 20.51
CA GLN A 486 -26.98 -4.16 21.23
C GLN A 486 -27.77 -3.29 20.26
N ILE A 487 -28.71 -2.53 20.80
CA ILE A 487 -29.57 -1.65 20.02
C ILE A 487 -29.44 -0.24 20.57
N ILE A 488 -29.20 0.72 19.69
CA ILE A 488 -29.12 2.13 20.06
C ILE A 488 -30.27 2.86 19.37
N VAL A 489 -31.11 3.50 20.17
CA VAL A 489 -32.25 4.26 19.67
C VAL A 489 -31.95 5.74 19.80
N LEU A 490 -32.08 6.47 18.69
CA LEU A 490 -31.76 7.88 18.64
C LEU A 490 -33.04 8.70 18.69
N TRP A 491 -33.17 9.53 19.71
CA TRP A 491 -34.32 10.41 19.87
C TRP A 491 -33.87 11.85 19.70
N ASN A 492 -34.48 12.57 18.77
CA ASN A 492 -34.12 13.95 18.51
C ASN A 492 -35.23 14.90 18.94
N VAL A 508 -30.75 -8.71 24.87
CA VAL A 508 -29.79 -7.76 24.33
C VAL A 508 -30.06 -6.35 24.87
N PRO A 509 -29.03 -5.75 25.47
CA PRO A 509 -29.20 -4.43 26.09
C PRO A 509 -29.57 -3.37 25.07
N VAL A 510 -30.66 -2.66 25.34
CA VAL A 510 -31.11 -1.55 24.51
C VAL A 510 -30.59 -0.26 25.12
N VAL A 511 -29.99 0.60 24.29
CA VAL A 511 -29.40 1.85 24.73
C VAL A 511 -30.17 3.00 24.10
N VAL A 512 -30.55 3.98 24.91
CA VAL A 512 -31.24 5.18 24.45
C VAL A 512 -30.31 6.36 24.72
N ILE A 513 -30.00 7.12 23.67
CA ILE A 513 -29.09 8.26 23.75
C ILE A 513 -29.91 9.52 23.57
N GLU A 514 -29.80 10.44 24.54
CA GLU A 514 -30.52 11.70 24.45
C GLU A 514 -29.96 12.57 23.33
N GLY A 515 -30.86 13.19 22.58
CA GLY A 515 -30.48 14.08 21.49
C GLY A 515 -30.79 15.52 21.85
N GLU A 516 -29.99 16.43 21.27
CA GLU A 516 -30.13 17.85 21.56
C GLU A 516 -30.74 18.65 20.41
N SER A 517 -30.75 18.11 19.19
CA SER A 517 -31.30 18.81 18.04
C SER A 517 -31.87 17.80 17.06
N LYS A 518 -32.80 18.27 16.22
CA LYS A 518 -33.37 17.43 15.18
C LYS A 518 -32.51 17.53 13.92
N VAL A 519 -31.25 17.16 14.09
CA VAL A 519 -30.29 17.09 12.99
C VAL A 519 -30.28 15.66 12.49
N MET A 520 -30.82 15.44 11.30
CA MET A 520 -30.98 14.07 10.83
C MET A 520 -29.67 13.52 10.25
N SER A 521 -28.65 14.35 10.09
CA SER A 521 -27.33 13.83 9.79
C SER A 521 -26.52 13.50 11.05
N SER A 522 -27.10 13.72 12.23
CA SER A 522 -26.45 13.31 13.47
C SER A 522 -26.53 11.80 13.70
N ARG A 523 -27.26 11.08 12.87
CA ARG A 523 -27.34 9.63 12.95
C ARG A 523 -26.09 8.94 12.42
N PHE A 524 -25.17 9.69 11.83
CA PHE A 524 -23.90 9.16 11.32
C PHE A 524 -22.74 9.51 12.23
N LEU A 525 -23.00 10.09 13.39
CA LEU A 525 -21.93 10.45 14.31
C LEU A 525 -21.30 9.20 14.93
N PRO A 526 -20.01 9.24 15.25
CA PRO A 526 -19.41 8.13 15.99
C PRO A 526 -19.87 8.15 17.44
N TYR A 527 -20.17 6.97 17.98
CA TYR A 527 -20.64 6.83 19.34
C TYR A 527 -19.75 5.85 20.09
N ASP A 528 -19.43 6.19 21.34
CA ASP A 528 -18.65 5.30 22.19
C ASP A 528 -19.43 4.06 22.58
N ASN A 529 -20.75 4.07 22.45
CA ASN A 529 -21.58 2.92 22.80
C ASN A 529 -21.58 1.85 21.73
N ILE A 530 -21.07 2.14 20.53
CA ILE A 530 -21.03 1.16 19.45
C ILE A 530 -19.77 0.32 19.63
N ILE A 531 -19.95 -0.94 20.00
CA ILE A 531 -18.83 -1.83 20.23
C ILE A 531 -18.48 -2.62 18.98
N THR A 532 -19.48 -3.13 18.26
CA THR A 532 -19.23 -3.92 17.07
C THR A 532 -18.78 -3.03 15.92
N ASP A 533 -18.04 -3.64 14.98
CA ASP A 533 -17.56 -2.90 13.82
C ASP A 533 -18.67 -2.65 12.81
N ALA A 534 -19.62 -3.57 12.70
CA ALA A 534 -20.73 -3.43 11.78
C ALA A 534 -21.88 -2.69 12.46
N VAL A 535 -22.50 -1.77 11.73
CA VAL A 535 -23.60 -0.97 12.24
C VAL A 535 -24.76 -1.07 11.27
N LEU A 536 -25.93 -1.46 11.78
CA LEU A 536 -27.15 -1.55 10.98
C LEU A 536 -27.96 -0.28 11.22
N SER A 537 -27.95 0.63 10.26
CA SER A 537 -28.74 1.85 10.31
C SER A 537 -30.12 1.56 9.74
N LEU A 538 -31.16 1.93 10.48
CA LEU A 538 -32.51 1.50 10.15
C LEU A 538 -33.51 2.53 10.63
N ASP A 539 -34.31 3.04 9.70
CA ASP A 539 -35.34 4.01 10.04
C ASP A 539 -36.53 3.34 10.72
N GLU A 540 -37.27 4.13 11.49
CA GLU A 540 -38.37 3.57 12.28
C GLU A 540 -39.52 3.10 11.40
N ASP A 541 -39.67 3.67 10.21
CA ASP A 541 -40.78 3.30 9.33
C ASP A 541 -40.46 2.10 8.44
N THR A 542 -39.25 1.57 8.50
CA THR A 542 -38.84 0.43 7.69
C THR A 542 -38.96 -0.84 8.54
N VAL A 543 -39.92 -1.69 8.20
CA VAL A 543 -40.13 -2.95 8.90
C VAL A 543 -39.29 -4.02 8.21
N LEU A 544 -38.41 -4.66 8.97
CA LEU A 544 -37.46 -5.62 8.43
C LEU A 544 -37.49 -6.89 9.26
N SER A 545 -37.59 -8.03 8.60
CA SER A 545 -37.69 -9.31 9.29
C SER A 545 -36.33 -9.76 9.82
N THR A 546 -36.38 -10.60 10.85
CA THR A 546 -35.14 -11.07 11.48
C THR A 546 -34.31 -11.91 10.52
N THR A 547 -34.95 -12.80 9.76
CA THR A 547 -34.22 -13.61 8.79
C THR A 547 -33.57 -12.73 7.73
N GLU A 548 -34.26 -11.68 7.31
CA GLU A 548 -33.67 -10.73 6.36
C GLU A 548 -32.46 -10.04 6.96
N VAL A 549 -32.52 -9.68 8.24
CA VAL A 549 -31.36 -9.08 8.90
C VAL A 549 -30.18 -10.04 8.91
N ASP A 550 -30.44 -11.30 9.26
CA ASP A 550 -29.35 -12.28 9.29
C ASP A 550 -28.75 -12.48 7.91
N PHE A 551 -29.59 -12.57 6.89
CA PHE A 551 -29.10 -12.77 5.53
C PHE A 551 -28.28 -11.57 5.07
N ALA A 552 -28.75 -10.35 5.38
CA ALA A 552 -28.00 -9.16 5.00
C ALA A 552 -26.66 -9.11 5.70
N PHE A 553 -26.61 -9.48 6.98
CA PHE A 553 -25.33 -9.47 7.69
C PHE A 553 -24.38 -10.52 7.12
N THR A 554 -24.90 -11.70 6.77
CA THR A 554 -24.05 -12.72 6.17
C THR A 554 -23.50 -12.25 4.84
N VAL A 555 -24.31 -11.56 4.03
CA VAL A 555 -23.82 -10.99 2.78
C VAL A 555 -22.75 -9.95 3.05
N TRP A 556 -23.00 -9.08 4.03
CA TRP A 556 -22.03 -8.03 4.35
C TRP A 556 -20.70 -8.63 4.80
N GLN A 557 -20.73 -9.78 5.46
CA GLN A 557 -19.50 -10.42 5.89
C GLN A 557 -18.63 -10.83 4.71
N SER A 558 -19.20 -10.99 3.52
CA SER A 558 -18.39 -11.28 2.34
C SER A 558 -17.84 -10.02 1.71
N PHE A 559 -18.50 -8.88 1.90
CA PHE A 559 -18.08 -7.59 1.35
C PHE A 559 -18.09 -6.56 2.45
N PRO A 560 -17.11 -6.61 3.36
CA PRO A 560 -17.15 -5.72 4.54
C PRO A 560 -16.95 -4.25 4.22
N GLU A 561 -16.49 -3.91 3.02
CA GLU A 561 -16.15 -2.53 2.68
C GLU A 561 -17.29 -1.77 2.00
N ARG A 562 -18.45 -2.39 1.80
CA ARG A 562 -19.52 -1.79 1.03
C ARG A 562 -20.74 -1.55 1.92
N ILE A 563 -21.77 -0.96 1.32
CA ILE A 563 -23.06 -0.78 1.96
C ILE A 563 -23.99 -1.85 1.43
N VAL A 564 -24.52 -2.68 2.32
CA VAL A 564 -25.41 -3.77 1.97
C VAL A 564 -26.79 -3.42 2.52
N GLY A 565 -27.75 -3.20 1.63
CA GLY A 565 -29.07 -2.77 2.05
C GLY A 565 -30.11 -3.06 0.99
N TYR A 566 -31.36 -2.98 1.41
CA TYR A 566 -32.51 -3.29 0.55
C TYR A 566 -32.91 -2.15 -0.39
N PRO A 567 -33.19 -0.94 0.10
CA PRO A 567 -33.72 0.09 -0.79
C PRO A 567 -32.60 0.74 -1.61
N ALA A 568 -32.69 0.61 -2.93
CA ALA A 568 -31.66 1.10 -3.84
C ALA A 568 -32.23 2.08 -4.85
N ARG A 569 -31.49 3.15 -5.11
CA ARG A 569 -31.83 4.16 -6.10
C ARG A 569 -30.62 4.43 -6.99
N SER A 570 -30.90 4.91 -8.20
CA SER A 570 -29.87 5.11 -9.22
C SER A 570 -29.72 6.59 -9.55
N HIS A 571 -28.78 6.87 -10.46
CA HIS A 571 -28.52 8.22 -10.93
C HIS A 571 -28.37 8.22 -12.44
N PHE A 572 -28.54 9.38 -13.05
CA PHE A 572 -28.46 9.50 -14.50
C PHE A 572 -27.94 10.88 -14.88
N TRP A 573 -27.54 11.01 -16.14
CA TRP A 573 -27.02 12.25 -16.70
C TRP A 573 -28.06 12.89 -17.61
N ASP A 574 -28.42 14.13 -17.31
CA ASP A 574 -29.36 14.90 -18.11
C ASP A 574 -28.61 15.75 -19.11
N ASN A 575 -28.84 15.49 -20.40
CA ASN A 575 -28.28 16.36 -21.43
C ASN A 575 -29.06 17.67 -21.55
N SER A 576 -30.34 17.65 -21.19
CA SER A 576 -31.17 18.84 -21.33
C SER A 576 -30.67 19.97 -20.43
N LYS A 577 -30.29 19.65 -19.19
CA LYS A 577 -29.88 20.66 -18.22
C LYS A 577 -28.44 20.51 -17.76
N GLU A 578 -27.72 19.49 -18.24
CA GLU A 578 -26.33 19.25 -17.85
C GLU A 578 -26.18 19.11 -16.33
N ARG A 579 -27.16 18.45 -15.72
CA ARG A 579 -27.20 18.27 -14.27
C ARG A 579 -27.51 16.82 -13.95
N TRP A 580 -26.91 16.32 -12.87
CA TRP A 580 -27.13 14.94 -12.46
C TRP A 580 -28.56 14.75 -11.95
N GLY A 581 -29.10 13.55 -12.18
CA GLY A 581 -30.49 13.27 -11.88
C GLY A 581 -30.63 12.09 -10.92
N TYR A 582 -31.81 11.99 -10.32
CA TYR A 582 -32.10 11.00 -9.29
C TYR A 582 -33.41 10.30 -9.63
N THR A 583 -33.39 8.97 -9.65
CA THR A 583 -34.58 8.16 -9.88
C THR A 583 -34.79 7.22 -8.70
N SER A 584 -36.07 6.89 -8.45
CA SER A 584 -36.40 6.02 -7.33
C SER A 584 -37.52 5.05 -7.65
N LYS A 585 -37.73 4.69 -8.92
CA LYS A 585 -38.86 3.85 -9.30
C LYS A 585 -38.47 2.90 -10.42
N TRP A 586 -38.46 1.60 -10.11
CA TRP A 586 -38.39 0.52 -11.09
C TRP A 586 -37.23 0.71 -12.07
N THR A 587 -36.08 1.08 -11.54
CA THR A 587 -34.92 1.30 -12.38
C THR A 587 -34.33 -0.04 -12.85
N ASN A 588 -33.62 0.03 -13.98
CA ASN A 588 -32.95 -1.14 -14.53
C ASN A 588 -31.68 -1.51 -13.75
N ASP A 589 -31.10 -0.56 -13.03
CA ASP A 589 -29.90 -0.80 -12.23
C ASP A 589 -29.96 0.12 -11.02
N TYR A 590 -28.84 0.22 -10.31
CA TYR A 590 -28.74 1.09 -9.16
C TYR A 590 -27.29 1.47 -8.92
N SER A 591 -27.09 2.66 -8.35
CA SER A 591 -25.77 3.10 -7.94
C SER A 591 -25.71 3.53 -6.49
N MET A 592 -26.85 3.72 -5.82
CA MET A 592 -26.90 4.05 -4.40
C MET A 592 -27.89 3.12 -3.71
N VAL A 593 -27.52 2.65 -2.52
CA VAL A 593 -28.42 1.94 -1.64
C VAL A 593 -28.66 2.83 -0.43
N LEU A 594 -29.92 3.03 -0.09
CA LEU A 594 -30.26 4.00 0.95
C LEU A 594 -29.94 3.42 2.33
N THR A 595 -29.56 4.30 3.24
CA THR A 595 -29.16 3.90 4.58
C THR A 595 -30.35 3.56 5.48
N GLY A 596 -31.55 3.53 4.92
CA GLY A 596 -32.72 3.19 5.72
C GLY A 596 -32.78 1.74 6.15
N ALA A 597 -32.19 0.84 5.37
CA ALA A 597 -32.14 -0.58 5.73
C ALA A 597 -30.78 -1.18 5.39
N ALA A 598 -29.70 -0.46 5.71
CA ALA A 598 -28.37 -0.80 5.22
C ALA A 598 -27.44 -1.18 6.36
N ILE A 599 -26.43 -1.98 6.03
CA ILE A 599 -25.40 -2.42 6.97
C ILE A 599 -24.05 -2.00 6.44
N TYR A 600 -23.25 -1.38 7.29
CA TYR A 600 -21.95 -0.85 6.89
C TYR A 600 -21.06 -0.71 8.11
N HIS A 601 -19.77 -0.55 7.87
CA HIS A 601 -18.78 -0.47 8.93
C HIS A 601 -18.93 0.82 9.73
N LYS A 602 -18.60 0.73 11.02
CA LYS A 602 -18.70 1.89 11.89
C LYS A 602 -17.68 2.97 11.54
N TYR A 603 -16.58 2.61 10.87
CA TYR A 603 -15.57 3.60 10.50
C TYR A 603 -16.16 4.69 9.60
N TYR A 604 -17.12 4.32 8.74
CA TYR A 604 -17.75 5.31 7.88
C TYR A 604 -18.57 6.33 8.66
N HIS A 605 -18.97 6.01 9.90
CA HIS A 605 -19.52 7.04 10.77
C HIS A 605 -18.48 8.11 11.07
N TYR A 606 -17.25 7.69 11.34
CA TYR A 606 -16.18 8.65 11.61
C TYR A 606 -15.82 9.42 10.34
N LEU A 607 -15.65 8.69 9.23
CA LEU A 607 -15.25 9.35 7.98
C LEU A 607 -16.30 10.32 7.47
N TYR A 608 -17.59 10.04 7.74
CA TYR A 608 -18.63 10.98 7.37
C TYR A 608 -18.50 12.29 8.13
N SER A 609 -17.95 12.24 9.34
CA SER A 609 -17.91 13.42 10.20
C SER A 609 -16.58 14.16 10.14
N HIS A 610 -15.47 13.45 10.15
CA HIS A 610 -14.15 14.05 10.25
C HIS A 610 -13.43 14.16 8.91
N TYR A 611 -14.11 13.84 7.81
CA TYR A 611 -13.53 14.00 6.48
C TYR A 611 -14.35 14.90 5.57
N LEU A 612 -15.67 14.75 5.60
CA LEU A 612 -16.52 15.60 4.78
C LEU A 612 -16.53 17.01 5.34
N PRO A 613 -16.53 18.04 4.49
CA PRO A 613 -16.51 19.41 4.97
C PRO A 613 -17.83 19.78 5.63
N ALA A 614 -17.75 20.80 6.49
CA ALA A 614 -18.93 21.23 7.23
C ALA A 614 -20.01 21.79 6.31
N SER A 615 -19.62 22.28 5.12
CA SER A 615 -20.59 22.93 4.24
C SER A 615 -21.63 21.93 3.74
N LEU A 616 -21.19 20.77 3.25
CA LEU A 616 -22.12 19.80 2.70
C LEU A 616 -23.05 19.25 3.77
N LYS A 617 -22.50 18.93 4.94
CA LYS A 617 -23.33 18.41 6.02
C LYS A 617 -24.31 19.46 6.53
N ASN A 618 -23.88 20.73 6.58
CA ASN A 618 -24.78 21.80 6.98
C ASN A 618 -25.91 21.98 5.98
N MET A 619 -25.60 21.88 4.68
CA MET A 619 -26.66 21.94 3.67
C MET A 619 -27.62 20.77 3.83
N VAL A 620 -27.07 19.58 4.12
CA VAL A 620 -27.90 18.40 4.38
C VAL A 620 -28.85 18.66 5.55
N ASP A 621 -28.32 19.23 6.64
CA ASP A 621 -29.15 19.55 7.79
C ASP A 621 -30.22 20.57 7.44
N GLN A 622 -29.85 21.59 6.66
CA GLN A 622 -30.80 22.64 6.31
C GLN A 622 -31.93 22.10 5.45
N LEU A 623 -31.63 21.25 4.48
CA LEU A 623 -32.67 20.71 3.61
C LEU A 623 -33.45 19.57 4.25
N ALA A 624 -32.91 18.96 5.32
CA ALA A 624 -33.54 17.83 6.01
C ALA A 624 -33.66 16.59 5.13
N ASN A 625 -32.67 16.33 4.30
CA ASN A 625 -32.55 15.08 3.55
C ASN A 625 -31.11 14.98 3.07
N CYS A 626 -30.84 13.99 2.21
CA CYS A 626 -29.61 13.88 1.42
C CYS A 626 -28.41 13.42 2.23
N GLU A 627 -28.61 13.00 3.49
CA GLU A 627 -27.47 12.51 4.26
C GLU A 627 -27.04 11.13 3.80
N ASP A 628 -28.00 10.29 3.42
CA ASP A 628 -27.68 8.94 2.94
C ASP A 628 -27.09 8.97 1.53
N ILE A 629 -27.51 9.94 0.71
CA ILE A 629 -26.88 10.11 -0.60
C ILE A 629 -25.41 10.47 -0.43
N LEU A 630 -25.11 11.37 0.51
CA LEU A 630 -23.72 11.71 0.78
C LEU A 630 -22.97 10.51 1.37
N MET A 631 -23.66 9.71 2.17
CA MET A 631 -23.08 8.46 2.67
C MET A 631 -22.65 7.55 1.52
N ASN A 632 -23.54 7.35 0.55
CA ASN A 632 -23.21 6.52 -0.60
C ASN A 632 -22.09 7.13 -1.43
N PHE A 633 -22.11 8.45 -1.61
CA PHE A 633 -21.05 9.14 -2.33
C PHE A 633 -19.70 8.86 -1.68
N LEU A 634 -19.62 9.03 -0.35
CA LEU A 634 -18.37 8.81 0.36
C LEU A 634 -17.91 7.36 0.25
N VAL A 635 -18.82 6.41 0.43
CA VAL A 635 -18.43 5.00 0.38
C VAL A 635 -17.95 4.63 -1.02
N SER A 636 -18.65 5.11 -2.06
CA SER A 636 -18.21 4.83 -3.42
C SER A 636 -16.85 5.46 -3.70
N ALA A 637 -16.63 6.68 -3.20
CA ALA A 637 -15.33 7.32 -3.40
C ALA A 637 -14.22 6.54 -2.71
N VAL A 638 -14.48 6.02 -1.51
CA VAL A 638 -13.46 5.27 -0.79
C VAL A 638 -13.16 3.96 -1.49
N THR A 639 -14.21 3.21 -1.86
CA THR A 639 -14.04 1.84 -2.33
C THR A 639 -13.96 1.73 -3.84
N LYS A 640 -14.43 2.73 -4.59
CA LYS A 640 -14.47 2.68 -6.05
C LYS A 640 -15.28 1.49 -6.55
N LEU A 641 -16.23 1.03 -5.75
CA LEU A 641 -17.09 -0.10 -6.07
C LEU A 641 -18.53 0.24 -5.74
N PRO A 642 -19.48 -0.31 -6.49
CA PRO A 642 -20.88 0.01 -6.25
C PRO A 642 -21.39 -0.66 -4.98
N PRO A 643 -22.45 -0.14 -4.38
CA PRO A 643 -23.08 -0.83 -3.25
C PRO A 643 -23.78 -2.10 -3.72
N ILE A 644 -24.03 -2.99 -2.76
CA ILE A 644 -24.62 -4.29 -3.03
C ILE A 644 -26.03 -4.31 -2.46
N LYS A 645 -27.02 -4.37 -3.34
CA LYS A 645 -28.40 -4.55 -2.93
C LYS A 645 -28.68 -6.02 -2.65
N VAL A 646 -29.52 -6.27 -1.64
CA VAL A 646 -29.96 -7.61 -1.29
C VAL A 646 -31.48 -7.60 -1.18
N THR A 647 -32.08 -8.77 -1.41
CA THR A 647 -33.53 -8.92 -1.32
C THR A 647 -33.84 -10.30 -0.74
N GLN A 648 -35.12 -10.53 -0.46
CA GLN A 648 -35.61 -11.81 0.04
C GLN A 648 -34.89 -12.23 1.32
N ASP A 670 -41.54 19.21 -3.78
CA ASP A 670 -40.36 19.99 -3.44
C ASP A 670 -39.28 19.11 -2.83
N HIS A 671 -39.71 18.08 -2.09
CA HIS A 671 -38.75 17.16 -1.47
C HIS A 671 -37.95 16.41 -2.53
N PHE A 672 -38.61 15.98 -3.61
CA PHE A 672 -37.91 15.26 -4.67
C PHE A 672 -36.90 16.15 -5.38
N ALA A 673 -37.22 17.43 -5.58
CA ALA A 673 -36.33 18.34 -6.29
C ALA A 673 -35.08 18.67 -5.50
N GLN A 674 -35.05 18.39 -4.20
CA GLN A 674 -33.86 18.68 -3.40
C GLN A 674 -32.75 17.66 -3.65
N ARG A 675 -33.10 16.43 -3.98
CA ARG A 675 -32.10 15.37 -4.15
C ARG A 675 -31.17 15.67 -5.32
N GLN A 676 -31.73 16.20 -6.41
CA GLN A 676 -30.91 16.53 -7.58
C GLN A 676 -29.89 17.61 -7.24
N SER A 677 -30.32 18.66 -6.54
CA SER A 677 -29.38 19.71 -6.13
C SER A 677 -28.34 19.16 -5.18
N CYS A 678 -28.75 18.28 -4.26
CA CYS A 678 -27.80 17.65 -3.36
C CYS A 678 -26.72 16.91 -4.12
N MET A 679 -27.14 16.08 -5.09
CA MET A 679 -26.19 15.27 -5.85
C MET A 679 -25.28 16.15 -6.69
N ASN A 680 -25.82 17.22 -7.28
CA ASN A 680 -24.99 18.13 -8.06
C ASN A 680 -23.94 18.82 -7.19
N THR A 681 -24.33 19.26 -5.99
CA THR A 681 -23.37 19.87 -5.09
C THR A 681 -22.30 18.87 -4.65
N PHE A 682 -22.73 17.63 -4.36
CA PHE A 682 -21.78 16.60 -3.95
C PHE A 682 -20.78 16.30 -5.06
N ALA A 683 -21.26 16.20 -6.30
CA ALA A 683 -20.37 15.97 -7.43
C ALA A 683 -19.44 17.15 -7.65
N SER A 684 -19.94 18.37 -7.45
CA SER A 684 -19.10 19.55 -7.58
C SER A 684 -17.97 19.54 -6.56
N TRP A 685 -18.27 19.16 -5.32
CA TRP A 685 -17.22 19.11 -4.30
C TRP A 685 -16.24 17.98 -4.57
N PHE A 686 -16.75 16.78 -4.84
CA PHE A 686 -15.88 15.64 -5.08
C PHE A 686 -15.03 15.81 -6.34
N GLY A 687 -15.58 16.49 -7.34
CA GLY A 687 -14.91 16.68 -8.61
C GLY A 687 -15.35 15.73 -9.70
N TYR A 688 -15.98 14.62 -9.34
CA TYR A 688 -16.47 13.65 -10.31
C TYR A 688 -17.67 12.93 -9.69
N MET A 689 -18.07 11.82 -10.32
CA MET A 689 -19.19 11.02 -9.83
C MET A 689 -18.68 9.67 -9.36
N PRO A 690 -18.44 9.47 -8.07
CA PRO A 690 -17.99 8.15 -7.59
C PRO A 690 -19.04 7.07 -7.74
N LEU A 691 -20.31 7.44 -7.91
CA LEU A 691 -21.36 6.44 -8.03
C LEU A 691 -21.16 5.57 -9.26
N ILE A 692 -21.30 4.26 -9.08
CA ILE A 692 -21.10 3.29 -10.15
C ILE A 692 -22.35 2.44 -10.27
N HIS A 693 -22.84 2.28 -11.49
CA HIS A 693 -24.03 1.47 -11.72
C HIS A 693 -23.73 -0.01 -11.52
N SER A 694 -24.76 -0.75 -11.09
CA SER A 694 -24.62 -2.18 -10.87
C SER A 694 -25.97 -2.84 -11.12
N GLN A 695 -25.95 -3.96 -11.83
CA GLN A 695 -27.16 -4.70 -12.17
C GLN A 695 -27.28 -6.02 -11.42
N MET A 696 -26.50 -6.20 -10.36
CA MET A 696 -26.54 -7.44 -9.58
C MET A 696 -27.40 -7.25 -8.33
N ARG A 697 -28.00 -8.34 -7.87
CA ARG A 697 -28.86 -8.31 -6.69
C ARG A 697 -28.74 -9.67 -6.02
N LEU A 698 -28.19 -9.70 -4.81
CA LEU A 698 -27.97 -10.96 -4.12
C LEU A 698 -29.24 -11.44 -3.42
N ASP A 699 -29.49 -12.73 -3.49
CA ASP A 699 -30.67 -13.36 -2.90
C ASP A 699 -30.25 -14.63 -2.19
N PRO A 700 -30.99 -15.02 -1.15
CA PRO A 700 -30.67 -16.27 -0.44
C PRO A 700 -30.94 -17.48 -1.31
N VAL A 701 -30.21 -18.56 -1.01
CA VAL A 701 -30.33 -19.80 -1.77
C VAL A 701 -31.13 -20.83 -0.99
N SER B 31 51.54 7.09 9.03
CA SER B 31 50.59 6.34 8.21
C SER B 31 49.43 7.22 7.76
N PRO B 32 48.97 7.03 6.52
CA PRO B 32 47.88 7.86 6.01
C PRO B 32 46.59 7.63 6.78
N ILE B 33 45.78 8.69 6.87
CA ILE B 33 44.50 8.64 7.56
C ILE B 33 43.44 9.25 6.66
N PRO B 34 42.31 8.56 6.44
CA PRO B 34 41.27 9.11 5.55
C PRO B 34 40.57 10.31 6.16
N GLU B 35 39.71 10.96 5.39
CA GLU B 35 38.94 12.08 5.89
C GLU B 35 37.77 11.59 6.74
N ARG B 36 37.22 12.51 7.54
CA ARG B 36 36.09 12.17 8.40
C ARG B 36 34.88 11.80 7.56
N GLY B 37 33.93 11.11 8.21
CA GLY B 37 32.72 10.65 7.54
C GLY B 37 31.94 11.75 6.88
N ASP B 38 31.60 11.57 5.61
CA ASP B 38 30.87 12.58 4.84
C ASP B 38 29.38 12.32 4.95
N LEU B 39 28.66 13.28 5.53
CA LEU B 39 27.20 13.18 5.59
C LEU B 39 26.57 13.39 4.23
N SER B 40 27.24 14.09 3.32
CA SER B 40 26.74 14.30 1.96
C SER B 40 27.29 13.22 1.03
N CYS B 41 27.07 11.97 1.42
CA CYS B 41 27.56 10.81 0.69
C CYS B 41 26.41 9.82 0.53
N ARG B 42 25.91 9.67 -0.69
CA ARG B 42 24.80 8.78 -1.01
C ARG B 42 25.24 7.74 -2.03
N MET B 43 24.30 6.86 -2.39
CA MET B 43 24.61 5.78 -3.32
C MET B 43 25.01 6.31 -4.68
N HIS B 44 24.26 7.30 -5.19
CA HIS B 44 24.47 7.76 -6.55
C HIS B 44 25.77 8.53 -6.73
N THR B 45 26.43 8.93 -5.64
CA THR B 45 27.69 9.63 -5.69
C THR B 45 28.87 8.78 -5.21
N CYS B 46 28.71 8.11 -4.07
CA CYS B 46 29.82 7.37 -3.48
C CYS B 46 29.92 5.94 -4.01
N PHE B 47 28.79 5.25 -4.10
CA PHE B 47 28.81 3.85 -4.49
C PHE B 47 29.25 3.70 -5.95
N ASP B 48 29.88 2.57 -6.25
CA ASP B 48 30.33 2.24 -7.59
C ASP B 48 29.44 1.11 -8.11
N VAL B 49 28.49 1.47 -8.99
CA VAL B 49 27.60 0.46 -9.56
C VAL B 49 28.22 -0.31 -10.70
N TYR B 50 29.40 0.12 -11.18
CA TYR B 50 30.07 -0.62 -12.26
C TYR B 50 30.58 -1.97 -11.78
N ARG B 51 30.88 -2.10 -10.49
CA ARG B 51 31.44 -3.35 -10.00
C ARG B 51 30.41 -4.49 -10.03
N CYS B 52 29.18 -4.21 -9.64
CA CYS B 52 28.11 -5.21 -9.63
C CYS B 52 27.01 -4.70 -10.54
N GLY B 53 27.15 -4.95 -11.84
CA GLY B 53 26.21 -4.47 -12.82
C GLY B 53 24.89 -5.23 -12.88
N PHE B 54 24.95 -6.49 -13.31
CA PHE B 54 23.75 -7.28 -13.51
C PHE B 54 24.15 -8.75 -13.64
N ASN B 55 23.34 -9.62 -13.04
CA ASN B 55 23.56 -11.06 -13.08
C ASN B 55 22.22 -11.75 -12.92
N PRO B 56 22.10 -12.99 -13.39
CA PRO B 56 20.79 -13.67 -13.32
C PRO B 56 20.22 -13.78 -11.91
N LYS B 57 20.98 -14.37 -10.99
CA LYS B 57 20.59 -14.38 -9.58
C LYS B 57 20.94 -13.02 -8.99
N ASN B 58 19.94 -12.15 -8.84
CA ASN B 58 20.20 -10.75 -8.54
C ASN B 58 20.65 -10.57 -7.11
N LYS B 59 21.83 -11.08 -6.78
CA LYS B 59 22.40 -10.99 -5.44
C LYS B 59 23.81 -10.43 -5.56
N ILE B 60 24.16 -9.50 -4.68
CA ILE B 60 25.47 -8.87 -4.70
C ILE B 60 26.53 -9.87 -4.25
N LYS B 61 27.80 -9.53 -4.48
CA LYS B 61 28.92 -10.38 -4.12
C LYS B 61 29.76 -9.66 -3.07
N VAL B 62 30.08 -10.36 -1.99
CA VAL B 62 30.77 -9.78 -0.84
C VAL B 62 32.13 -10.45 -0.71
N TYR B 63 33.18 -9.64 -0.63
CA TYR B 63 34.54 -10.12 -0.45
C TYR B 63 35.02 -9.77 0.96
N ILE B 64 35.82 -10.65 1.54
CA ILE B 64 36.30 -10.50 2.91
C ILE B 64 37.81 -10.45 2.90
N TYR B 65 38.38 -9.44 3.55
CA TYR B 65 39.82 -9.36 3.69
C TYR B 65 40.32 -10.38 4.72
N ALA B 66 41.46 -11.00 4.43
CA ALA B 66 42.06 -11.94 5.34
C ALA B 66 42.87 -11.18 6.40
N LEU B 67 42.62 -11.51 7.67
CA LEU B 67 43.31 -10.84 8.77
C LEU B 67 44.79 -11.20 8.80
N ILE B 82 40.16 -10.51 17.24
CA ILE B 82 38.79 -10.47 16.73
C ILE B 82 37.83 -11.09 17.75
N SER B 83 36.79 -10.34 18.11
CA SER B 83 35.82 -10.82 19.08
C SER B 83 35.01 -11.98 18.50
N ARG B 84 34.42 -12.75 19.42
CA ARG B 84 33.61 -13.93 19.00
C ARG B 84 32.38 -13.43 18.24
N GLU B 85 31.82 -12.28 18.62
CA GLU B 85 30.67 -11.70 17.88
C GLU B 85 31.09 -11.42 16.44
N TYR B 86 32.24 -10.75 16.25
CA TYR B 86 32.72 -10.41 14.89
C TYR B 86 33.08 -11.70 14.14
N ASN B 87 33.55 -12.72 14.86
CA ASN B 87 33.88 -14.03 14.22
C ASN B 87 32.58 -14.64 13.67
N GLU B 88 31.51 -14.64 14.48
CA GLU B 88 30.20 -15.18 14.04
C GLU B 88 29.71 -14.36 12.85
N LEU B 89 29.97 -13.05 12.85
CA LEU B 89 29.57 -12.22 11.72
C LEU B 89 30.27 -12.67 10.44
N LEU B 90 31.58 -12.83 10.51
CA LEU B 90 32.35 -13.24 9.33
C LEU B 90 31.99 -14.65 8.89
N MET B 91 31.74 -15.55 9.84
CA MET B 91 31.32 -16.90 9.49
C MET B 91 29.97 -16.89 8.78
N ALA B 92 29.04 -16.05 9.27
CA ALA B 92 27.74 -15.93 8.61
C ALA B 92 27.89 -15.36 7.21
N ILE B 93 28.77 -14.38 7.03
CA ILE B 93 28.99 -13.81 5.71
C ILE B 93 29.58 -14.86 4.77
N SER B 94 30.57 -15.62 5.24
CA SER B 94 31.25 -16.58 4.40
C SER B 94 30.39 -17.79 4.04
N ASP B 95 29.40 -18.11 4.87
CA ASP B 95 28.57 -19.30 4.65
C ASP B 95 27.22 -18.96 4.04
N SER B 96 27.12 -17.83 3.35
CA SER B 96 25.89 -17.38 2.71
C SER B 96 26.09 -17.33 1.20
N ASP B 97 25.02 -16.99 0.49
CA ASP B 97 25.09 -16.88 -0.96
C ASP B 97 25.67 -15.55 -1.43
N TYR B 98 25.96 -14.61 -0.52
CA TYR B 98 26.59 -13.36 -0.88
C TYR B 98 28.11 -13.43 -0.88
N TYR B 99 28.69 -14.54 -0.43
CA TYR B 99 30.13 -14.66 -0.31
C TYR B 99 30.72 -15.17 -1.61
N THR B 100 31.73 -14.48 -2.11
CA THR B 100 32.45 -14.88 -3.31
C THR B 100 33.94 -14.64 -3.10
N ASP B 101 34.72 -15.17 -4.03
CA ASP B 101 36.16 -14.95 -4.14
C ASP B 101 36.43 -14.24 -5.46
N ASP B 102 37.71 -14.13 -5.82
CA ASP B 102 38.13 -13.40 -7.02
C ASP B 102 37.69 -11.93 -6.91
N ILE B 103 38.37 -11.24 -6.00
CA ILE B 103 38.05 -9.90 -5.51
C ILE B 103 37.56 -8.97 -6.62
N ASN B 104 38.09 -9.15 -7.83
CA ASN B 104 37.65 -8.35 -8.97
C ASN B 104 36.16 -8.52 -9.27
N ARG B 105 35.56 -9.61 -8.81
CA ARG B 105 34.16 -9.88 -9.10
C ARG B 105 33.21 -9.32 -8.04
N ALA B 106 33.67 -9.18 -6.80
CA ALA B 106 32.80 -8.80 -5.71
C ALA B 106 32.45 -7.31 -5.78
N CYS B 107 31.31 -6.97 -5.20
CA CYS B 107 30.80 -5.59 -5.19
C CYS B 107 30.91 -4.92 -3.83
N LEU B 108 30.82 -5.67 -2.73
CA LEU B 108 30.96 -5.14 -1.39
C LEU B 108 32.19 -5.73 -0.70
N PHE B 109 32.72 -4.99 0.26
CA PHE B 109 33.90 -5.39 1.01
C PHE B 109 33.61 -5.25 2.51
N VAL B 110 33.93 -6.29 3.27
CA VAL B 110 33.79 -6.28 4.72
C VAL B 110 35.16 -6.60 5.33
N PRO B 111 35.89 -5.59 5.79
CA PRO B 111 37.22 -5.85 6.36
C PRO B 111 37.12 -6.66 7.65
N SER B 112 38.16 -7.45 7.90
CA SER B 112 38.22 -8.33 9.07
C SER B 112 38.95 -7.63 10.23
N ILE B 113 38.40 -6.50 10.65
CA ILE B 113 38.88 -5.78 11.83
C ILE B 113 37.68 -5.51 12.73
N ASP B 114 37.83 -5.82 14.01
CA ASP B 114 36.72 -5.69 14.96
C ASP B 114 36.44 -4.23 15.23
N VAL B 115 35.22 -3.78 14.88
CA VAL B 115 34.78 -2.41 15.05
C VAL B 115 33.51 -2.34 15.88
N LEU B 116 32.98 -3.49 16.32
CA LEU B 116 31.68 -3.54 16.96
C LEU B 116 31.63 -2.70 18.23
N ASN B 117 32.68 -2.75 19.04
CA ASN B 117 32.75 -2.00 20.29
C ASN B 117 33.78 -0.88 20.13
N GLN B 118 33.34 0.35 20.37
CA GLN B 118 34.21 1.52 20.24
C GLN B 118 34.88 1.90 21.56
N ASN B 119 34.56 1.21 22.66
CA ASN B 119 35.16 1.55 23.94
C ASN B 119 36.65 1.25 23.96
N THR B 120 37.10 0.23 23.23
CA THR B 120 38.49 -0.17 23.15
C THR B 120 38.92 -0.30 21.70
N LEU B 121 38.62 0.71 20.90
CA LEU B 121 38.81 0.64 19.45
C LEU B 121 40.16 1.17 18.97
N ARG B 122 40.73 2.16 19.67
CA ARG B 122 41.99 2.78 19.26
C ARG B 122 41.87 3.36 17.84
N ILE B 123 41.03 4.40 17.76
CA ILE B 123 40.56 5.01 16.51
C ILE B 123 41.68 5.21 15.50
N LYS B 124 42.81 5.77 15.95
CA LYS B 124 43.89 6.09 15.02
C LYS B 124 44.47 4.83 14.37
N GLU B 125 44.67 3.78 15.17
CA GLU B 125 45.21 2.54 14.62
C GLU B 125 44.23 1.91 13.63
N THR B 126 42.94 1.95 13.94
CA THR B 126 41.93 1.43 13.01
C THR B 126 41.93 2.23 11.72
N ALA B 127 42.08 3.55 11.81
CA ALA B 127 42.16 4.38 10.61
C ALA B 127 43.37 4.01 9.77
N GLN B 128 44.52 3.81 10.42
CA GLN B 128 45.71 3.40 9.70
C GLN B 128 45.51 2.06 9.01
N ALA B 129 44.87 1.12 9.69
CA ALA B 129 44.60 -0.19 9.09
C ALA B 129 43.68 -0.07 7.89
N MET B 130 42.61 0.72 8.02
CA MET B 130 41.68 0.88 6.91
C MET B 130 42.35 1.54 5.71
N ALA B 131 43.23 2.51 5.96
CA ALA B 131 44.00 3.08 4.87
C ALA B 131 44.93 2.04 4.25
N GLN B 132 45.54 1.19 5.08
CA GLN B 132 46.48 0.18 4.64
C GLN B 132 45.80 -1.00 3.95
N LEU B 133 44.47 -1.08 3.98
CA LEU B 133 43.72 -2.22 3.47
C LEU B 133 44.06 -2.60 2.03
N SER B 134 44.77 -1.72 1.32
CA SER B 134 45.36 -2.01 0.00
C SER B 134 44.30 -2.10 -1.08
N ARG B 135 43.03 -2.01 -0.69
CA ARG B 135 41.93 -1.93 -1.65
C ARG B 135 40.90 -0.90 -1.22
N TRP B 136 41.33 0.09 -0.43
CA TRP B 136 40.39 1.03 0.20
C TRP B 136 39.59 1.80 -0.84
N ASP B 137 40.28 2.38 -1.83
CA ASP B 137 39.65 3.20 -2.86
C ASP B 137 38.77 4.27 -2.23
N ARG B 138 39.29 4.92 -1.18
CA ARG B 138 38.58 5.91 -0.39
C ARG B 138 37.32 5.31 0.25
N GLY B 139 37.30 4.00 0.43
CA GLY B 139 36.15 3.33 1.02
C GLY B 139 34.89 3.42 0.19
N THR B 140 35.02 3.28 -1.14
CA THR B 140 33.87 3.47 -2.01
C THR B 140 32.79 2.42 -1.77
N ASN B 141 33.19 1.17 -1.52
CA ASN B 141 32.23 0.07 -1.37
C ASN B 141 32.46 -0.75 -0.11
N HIS B 142 33.26 -0.26 0.84
CA HIS B 142 33.58 -1.04 2.03
C HIS B 142 32.46 -0.93 3.05
N LEU B 143 32.09 -2.06 3.63
CA LEU B 143 31.03 -2.14 4.62
C LEU B 143 31.63 -2.32 6.00
N LEU B 144 31.24 -1.45 6.94
CA LEU B 144 31.70 -1.49 8.31
C LEU B 144 30.55 -1.87 9.22
N PHE B 145 30.84 -2.71 10.22
CA PHE B 145 29.84 -3.16 11.18
C PHE B 145 30.17 -2.63 12.56
N ASN B 146 29.19 -2.02 13.21
CA ASN B 146 29.35 -1.44 14.53
C ASN B 146 28.03 -1.52 15.27
N MET B 147 28.10 -1.54 16.59
CA MET B 147 26.90 -1.60 17.42
C MET B 147 26.87 -0.60 18.56
N LEU B 148 28.01 -0.04 18.99
CA LEU B 148 28.09 0.89 20.11
C LEU B 148 28.86 2.13 19.67
N PRO B 149 28.23 3.02 18.91
CA PRO B 149 28.91 4.25 18.44
C PRO B 149 28.91 5.35 19.50
N GLY B 150 29.56 5.08 20.63
CA GLY B 150 29.60 6.05 21.71
C GLY B 150 30.98 6.24 22.30
N GLY B 151 31.37 7.49 22.52
CA GLY B 151 32.65 7.81 23.11
C GLY B 151 32.51 8.34 24.51
N PRO B 152 33.40 7.89 25.41
CA PRO B 152 33.29 8.28 26.82
C PRO B 152 33.21 9.78 27.03
N PRO B 153 33.99 10.61 26.32
CA PRO B 153 33.82 12.06 26.51
C PRO B 153 32.54 12.59 25.90
N ASP B 154 32.14 12.10 24.72
CA ASP B 154 30.91 12.56 24.09
C ASP B 154 30.41 11.49 23.13
N TYR B 155 29.09 11.35 23.04
CA TYR B 155 28.47 10.36 22.17
C TYR B 155 28.14 11.02 20.84
N ASN B 156 28.73 10.50 19.76
CA ASN B 156 28.55 11.06 18.43
C ASN B 156 27.45 10.37 17.63
N THR B 157 26.83 9.32 18.19
CA THR B 157 25.79 8.54 17.51
C THR B 157 26.26 7.98 16.18
N ALA B 158 27.56 7.89 15.97
CA ALA B 158 28.13 7.39 14.73
C ALA B 158 29.57 6.98 15.00
N LEU B 159 30.13 6.23 14.06
CA LEU B 159 31.52 5.80 14.19
C LEU B 159 32.45 7.00 14.10
N ASP B 160 33.39 7.08 15.05
CA ASP B 160 34.30 8.21 15.14
C ASP B 160 35.55 8.05 14.29
N VAL B 161 35.71 6.92 13.62
CA VAL B 161 36.85 6.70 12.73
C VAL B 161 36.64 7.55 11.49
N PRO B 162 37.70 7.83 10.70
CA PRO B 162 37.52 8.66 9.49
C PRO B 162 36.42 8.17 8.56
N ARG B 163 36.53 6.95 8.06
CA ARG B 163 35.52 6.29 7.23
C ARG B 163 34.87 7.26 6.23
N ASP B 164 35.72 7.78 5.34
CA ASP B 164 35.30 8.88 4.46
C ASP B 164 34.06 8.51 3.66
N ARG B 165 34.08 7.37 2.98
CA ARG B 165 32.95 6.91 2.20
C ARG B 165 32.47 5.52 2.60
N ALA B 166 33.04 4.92 3.63
CA ALA B 166 32.69 3.56 4.00
C ALA B 166 31.24 3.49 4.45
N LEU B 167 30.57 2.42 4.05
CA LEU B 167 29.18 2.21 4.41
C LEU B 167 29.10 1.57 5.79
N LEU B 168 28.24 2.12 6.64
CA LEU B 168 28.16 1.68 8.03
C LEU B 168 26.87 0.92 8.28
N ALA B 169 26.98 -0.16 9.05
CA ALA B 169 25.86 -0.84 9.67
C ALA B 169 26.04 -0.66 11.17
N GLY B 170 25.48 0.41 11.70
CA GLY B 170 25.70 0.81 13.09
C GLY B 170 24.47 0.52 13.93
N GLY B 171 24.71 0.21 15.22
CA GLY B 171 23.61 -0.10 16.11
C GLY B 171 22.82 1.12 16.54
N GLY B 172 23.50 2.25 16.72
CA GLY B 172 22.82 3.47 17.16
C GLY B 172 22.95 4.61 16.18
N PHE B 173 21.84 5.02 15.59
CA PHE B 173 21.82 6.12 14.63
C PHE B 173 20.83 7.18 15.07
N SER B 174 21.28 8.43 15.08
CA SER B 174 20.39 9.57 15.17
C SER B 174 19.99 10.02 13.77
N THR B 175 18.94 10.84 13.71
CA THR B 175 18.49 11.32 12.41
C THR B 175 19.45 12.32 11.78
N TRP B 176 20.46 12.77 12.52
CA TRP B 176 21.46 13.69 12.00
C TRP B 176 22.73 13.00 11.50
N THR B 177 23.06 11.83 12.06
CA THR B 177 24.27 11.11 11.69
C THR B 177 23.98 9.88 10.84
N TYR B 178 22.76 9.75 10.33
CA TYR B 178 22.35 8.59 9.55
C TYR B 178 22.09 9.03 8.12
N ARG B 179 22.82 8.43 7.18
CA ARG B 179 22.59 8.67 5.76
C ARG B 179 21.44 7.80 5.27
N GLN B 180 20.47 8.43 4.61
CA GLN B 180 19.17 7.81 4.37
C GLN B 180 19.24 6.56 3.53
N GLY B 181 19.64 6.69 2.26
CA GLY B 181 19.74 5.55 1.38
C GLY B 181 21.09 4.88 1.34
N TYR B 182 21.99 5.28 2.23
CA TYR B 182 23.36 4.76 2.25
C TYR B 182 23.61 3.86 3.45
N ASP B 183 23.22 4.29 4.64
CA ASP B 183 23.53 3.56 5.85
C ASP B 183 22.40 2.59 6.21
N VAL B 184 22.73 1.62 7.06
CA VAL B 184 21.78 0.63 7.54
C VAL B 184 21.78 0.67 9.05
N SER B 185 20.59 0.75 9.64
CA SER B 185 20.43 0.72 11.09
C SER B 185 20.22 -0.73 11.52
N ILE B 186 21.08 -1.22 12.40
CA ILE B 186 21.08 -2.63 12.78
C ILE B 186 20.86 -2.72 14.27
N PRO B 187 20.32 -3.85 14.74
CA PRO B 187 20.17 -4.05 16.19
C PRO B 187 21.52 -4.17 16.88
N VAL B 188 21.54 -3.77 18.14
CA VAL B 188 22.69 -4.02 19.01
C VAL B 188 22.50 -5.38 19.67
N TYR B 189 23.50 -6.24 19.55
CA TYR B 189 23.36 -7.63 19.96
C TYR B 189 23.48 -7.77 21.47
N SER B 190 22.55 -8.51 22.06
CA SER B 190 22.59 -8.86 23.46
C SER B 190 22.91 -10.33 23.62
N PRO B 191 23.91 -10.70 24.42
CA PRO B 191 24.24 -12.13 24.57
C PRO B 191 23.12 -12.96 25.16
N LEU B 192 22.19 -12.33 25.89
CA LEU B 192 21.11 -13.09 26.53
C LEU B 192 20.28 -13.86 25.51
N SER B 193 20.11 -13.31 24.30
CA SER B 193 19.34 -13.99 23.28
C SER B 193 19.90 -15.37 22.97
N ALA B 194 21.20 -15.57 23.21
CA ALA B 194 21.80 -16.89 23.13
C ALA B 194 22.05 -17.50 24.51
N GLU B 195 22.18 -16.68 25.55
CA GLU B 195 22.47 -17.20 26.88
C GLU B 195 21.24 -17.85 27.50
N VAL B 196 20.08 -17.23 27.35
CA VAL B 196 18.84 -17.72 27.94
C VAL B 196 17.81 -17.91 26.84
N ASP B 197 17.04 -18.99 26.94
CA ASP B 197 15.97 -19.30 25.99
C ASP B 197 14.64 -19.17 26.72
N LEU B 198 13.99 -18.03 26.57
CA LEU B 198 12.71 -17.81 27.21
C LEU B 198 11.65 -18.71 26.59
N PRO B 199 10.71 -19.21 27.41
CA PRO B 199 9.59 -19.98 26.86
C PRO B 199 8.74 -19.14 25.91
N GLU B 200 8.22 -19.80 24.88
CA GLU B 200 7.42 -19.12 23.87
C GLU B 200 6.00 -18.90 24.41
N LYS B 201 5.91 -18.00 25.39
CA LYS B 201 4.62 -17.68 25.99
C LYS B 201 3.75 -16.92 25.00
N GLY B 202 2.51 -17.35 24.84
CA GLY B 202 1.60 -16.74 23.90
C GLY B 202 1.04 -15.43 24.39
N PRO B 203 0.48 -14.65 23.47
CA PRO B 203 -0.14 -13.37 23.87
C PRO B 203 -1.36 -13.61 24.76
N GLY B 204 -1.59 -12.65 25.65
CA GLY B 204 -2.67 -12.75 26.60
C GLY B 204 -2.58 -11.68 27.68
N PRO B 205 -3.32 -11.84 28.75
CA PRO B 205 -3.26 -10.88 29.85
C PRO B 205 -2.09 -11.14 30.80
N ARG B 206 -1.56 -10.05 31.35
CA ARG B 206 -0.36 -10.12 32.18
C ARG B 206 -0.57 -9.31 33.45
N GLN B 207 0.32 -9.54 34.41
CA GLN B 207 0.17 -8.92 35.73
C GLN B 207 0.48 -7.43 35.68
N TYR B 208 1.53 -7.04 34.97
CA TYR B 208 1.99 -5.66 34.95
C TYR B 208 1.70 -5.01 33.60
N PHE B 209 1.45 -3.70 33.64
CA PHE B 209 1.12 -2.94 32.45
C PHE B 209 2.35 -2.30 31.82
N LEU B 210 3.04 -1.45 32.57
CA LEU B 210 4.22 -0.74 32.09
C LEU B 210 5.39 -1.07 32.99
N LEU B 211 6.44 -1.64 32.42
CA LEU B 211 7.61 -2.06 33.17
C LEU B 211 8.85 -1.35 32.61
N SER B 212 9.74 -0.93 33.51
CA SER B 212 10.98 -0.27 33.14
C SER B 212 12.13 -0.96 33.88
N SER B 213 12.87 -1.81 33.17
CA SER B 213 13.98 -2.56 33.75
C SER B 213 15.27 -2.11 33.04
N GLN B 214 15.87 -1.05 33.55
CA GLN B 214 17.14 -0.55 33.03
C GLN B 214 18.01 -0.11 34.19
N VAL B 215 19.31 -0.04 33.94
CA VAL B 215 20.31 0.22 34.97
C VAL B 215 21.03 1.52 34.65
N GLY B 216 21.23 2.34 35.68
CA GLY B 216 21.98 3.57 35.55
C GLY B 216 21.34 4.63 34.68
N LEU B 217 20.05 4.85 34.83
CA LEU B 217 19.36 5.89 34.10
C LEU B 217 19.66 7.26 34.72
N HIS B 218 19.44 8.31 33.92
CA HIS B 218 19.62 9.66 34.41
C HIS B 218 18.58 9.95 35.50
N PRO B 219 18.92 10.79 36.49
CA PRO B 219 17.98 10.99 37.62
C PRO B 219 16.61 11.52 37.21
N GLU B 220 16.49 12.29 36.13
CA GLU B 220 15.17 12.75 35.71
C GLU B 220 14.30 11.57 35.28
N TYR B 221 14.90 10.60 34.58
CA TYR B 221 14.16 9.42 34.17
C TYR B 221 13.62 8.67 35.38
N ARG B 222 14.50 8.47 36.38
CA ARG B 222 14.10 7.77 37.59
C ARG B 222 12.99 8.53 38.33
N GLU B 223 13.13 9.85 38.42
CA GLU B 223 12.14 10.65 39.11
C GLU B 223 10.78 10.56 38.43
N ASP B 224 10.75 10.65 37.10
CA ASP B 224 9.47 10.64 36.41
C ASP B 224 8.85 9.24 36.42
N LEU B 225 9.67 8.18 36.33
CA LEU B 225 9.14 6.83 36.46
C LEU B 225 8.57 6.59 37.85
N GLU B 226 9.24 7.09 38.89
CA GLU B 226 8.71 6.96 40.24
C GLU B 226 7.43 7.76 40.40
N ALA B 227 7.34 8.93 39.75
CA ALA B 227 6.10 9.70 39.78
C ALA B 227 4.96 8.92 39.15
N LEU B 228 5.21 8.29 38.00
CA LEU B 228 4.18 7.47 37.36
C LEU B 228 3.77 6.31 38.26
N GLN B 229 4.74 5.66 38.89
CA GLN B 229 4.43 4.52 39.75
C GLN B 229 3.60 4.95 40.95
N VAL B 230 3.96 6.06 41.59
CA VAL B 230 3.21 6.52 42.75
C VAL B 230 1.84 7.04 42.34
N LYS B 231 1.70 7.54 41.11
CA LYS B 231 0.40 8.04 40.68
C LYS B 231 -0.55 6.89 40.38
N HIS B 232 -0.06 5.83 39.72
CA HIS B 232 -0.92 4.73 39.32
C HIS B 232 -0.83 3.54 40.29
N GLY B 233 0.36 2.97 40.45
CA GLY B 233 0.54 1.88 41.38
C GLY B 233 0.00 0.54 40.90
N GLU B 234 0.71 -0.54 41.23
CA GLU B 234 0.30 -1.91 40.97
C GLU B 234 0.27 -2.24 39.49
N SER B 235 0.54 -1.26 38.63
CA SER B 235 0.67 -1.47 37.20
C SER B 235 2.02 -1.03 36.67
N VAL B 236 2.49 0.15 37.03
CA VAL B 236 3.81 0.61 36.63
C VAL B 236 4.84 0.02 37.59
N LEU B 237 5.85 -0.63 37.04
CA LEU B 237 6.89 -1.29 37.84
C LEU B 237 8.25 -0.87 37.31
N VAL B 238 9.01 -0.15 38.14
CA VAL B 238 10.36 0.28 37.81
C VAL B 238 11.33 -0.56 38.61
N LEU B 239 12.39 -1.04 37.97
CA LEU B 239 13.34 -1.97 38.55
C LEU B 239 14.70 -1.30 38.71
N ASP B 240 15.32 -1.47 39.87
CA ASP B 240 16.61 -0.89 40.17
C ASP B 240 17.70 -1.94 40.05
N LYS B 241 18.96 -1.46 40.07
CA LYS B 241 20.11 -2.35 40.00
C LYS B 241 20.37 -3.01 41.35
N ARG B 253 22.55 -10.21 36.15
CA ARG B 253 21.27 -10.28 35.46
C ARG B 253 20.13 -10.53 36.44
N LYS B 254 20.04 -9.67 37.46
CA LYS B 254 18.97 -9.74 38.44
C LYS B 254 18.42 -8.34 38.66
N ARG B 255 17.11 -8.23 38.82
CA ARG B 255 16.44 -6.95 39.05
C ARG B 255 15.94 -6.90 40.48
N CYS B 256 16.19 -5.78 41.16
CA CYS B 256 15.88 -5.64 42.58
C CYS B 256 14.90 -4.47 42.76
N HIS B 257 13.64 -4.79 43.02
CA HIS B 257 12.69 -3.81 43.51
C HIS B 257 12.70 -3.80 45.02
N LYS B 258 12.04 -2.80 45.62
CA LYS B 258 12.07 -2.64 47.07
C LYS B 258 11.55 -3.91 47.76
N HIS B 259 12.46 -4.61 48.43
CA HIS B 259 12.15 -5.86 49.13
C HIS B 259 11.52 -6.89 48.19
N GLN B 260 12.03 -6.97 46.96
CA GLN B 260 11.53 -7.96 46.01
C GLN B 260 12.58 -8.18 44.93
N VAL B 261 12.70 -9.43 44.49
CA VAL B 261 13.75 -9.84 43.56
C VAL B 261 13.11 -10.51 42.35
N PHE B 262 13.62 -10.19 41.16
CA PHE B 262 13.20 -10.82 39.92
C PHE B 262 14.41 -11.21 39.10
N ASP B 263 14.24 -12.24 38.27
CA ASP B 263 15.23 -12.59 37.28
C ASP B 263 15.02 -11.75 36.01
N TYR B 264 16.09 -11.07 35.57
CA TYR B 264 15.94 -10.00 34.59
C TYR B 264 15.42 -10.47 33.24
N PRO B 265 15.98 -11.49 32.59
CA PRO B 265 15.42 -11.90 31.29
C PRO B 265 13.99 -12.36 31.36
N GLN B 266 13.57 -12.94 32.49
CA GLN B 266 12.25 -13.54 32.62
C GLN B 266 11.22 -12.64 33.30
N VAL B 267 11.65 -11.57 33.97
CA VAL B 267 10.68 -10.65 34.55
C VAL B 267 9.93 -9.89 33.46
N LEU B 268 10.56 -9.72 32.30
CA LEU B 268 9.92 -9.00 31.19
C LEU B 268 8.72 -9.73 30.64
N GLN B 269 8.58 -11.03 30.91
CA GLN B 269 7.44 -11.79 30.46
C GLN B 269 6.14 -11.41 31.17
N GLU B 270 6.22 -10.66 32.27
CA GLU B 270 5.06 -10.34 33.09
C GLU B 270 4.49 -8.96 32.80
N ALA B 271 4.94 -8.29 31.74
CA ALA B 271 4.49 -6.95 31.42
C ALA B 271 4.00 -6.90 29.97
N THR B 272 2.99 -6.08 29.74
CA THR B 272 2.44 -5.88 28.40
C THR B 272 3.06 -4.70 27.67
N PHE B 273 3.81 -3.84 28.38
CA PHE B 273 4.58 -2.78 27.76
C PHE B 273 5.90 -2.65 28.50
N CYS B 274 6.99 -2.53 27.74
CA CYS B 274 8.33 -2.42 28.30
C CYS B 274 8.97 -1.12 27.83
N VAL B 275 9.66 -0.44 28.74
CA VAL B 275 10.26 0.86 28.45
C VAL B 275 11.71 0.68 28.03
N VAL B 276 12.06 1.23 26.87
CA VAL B 276 13.44 1.31 26.42
C VAL B 276 13.82 2.78 26.37
N LEU B 277 14.74 3.18 27.23
CA LEU B 277 15.15 4.57 27.36
C LEU B 277 16.48 4.81 26.65
N ARG B 278 16.79 6.08 26.46
CA ARG B 278 18.05 6.50 25.87
C ARG B 278 18.98 6.96 26.99
N GLY B 279 19.94 6.10 27.34
CA GLY B 279 20.90 6.44 28.38
C GLY B 279 22.31 6.50 27.86
N ALA B 280 22.61 5.70 26.83
CA ALA B 280 23.96 5.65 26.29
C ALA B 280 23.89 5.12 24.87
N ARG B 281 24.63 5.77 23.97
CA ARG B 281 24.78 5.35 22.57
C ARG B 281 23.48 5.41 21.80
N LEU B 282 22.39 5.85 22.45
CA LEU B 282 21.08 6.05 21.82
C LEU B 282 20.47 4.72 21.41
N GLY B 283 21.21 3.62 21.59
CA GLY B 283 20.73 2.30 21.28
C GLY B 283 21.05 1.32 22.38
N GLN B 284 20.02 0.69 22.94
CA GLN B 284 20.17 -0.17 24.11
C GLN B 284 19.94 -1.63 23.72
N ALA B 285 20.76 -2.51 24.30
CA ALA B 285 20.57 -3.95 24.11
C ALA B 285 19.32 -4.47 24.80
N VAL B 286 18.67 -3.66 25.65
CA VAL B 286 17.43 -4.08 26.29
C VAL B 286 16.30 -4.21 25.27
N LEU B 287 16.42 -3.57 24.11
CA LEU B 287 15.39 -3.69 23.09
C LEU B 287 15.23 -5.12 22.60
N SER B 288 16.36 -5.81 22.37
CA SER B 288 16.30 -7.18 21.91
C SER B 288 15.66 -8.08 22.96
N ASP B 289 16.00 -7.88 24.24
CA ASP B 289 15.38 -8.66 25.30
C ASP B 289 13.90 -8.38 25.40
N VAL B 290 13.50 -7.13 25.23
CA VAL B 290 12.09 -6.76 25.25
C VAL B 290 11.34 -7.46 24.12
N LEU B 291 11.91 -7.45 22.92
CA LEU B 291 11.27 -8.13 21.79
C LEU B 291 11.19 -9.63 22.02
N GLN B 292 12.25 -10.22 22.58
CA GLN B 292 12.24 -11.66 22.85
C GLN B 292 11.17 -12.02 23.86
N ALA B 293 11.05 -11.25 24.94
CA ALA B 293 10.07 -11.54 25.98
C ALA B 293 8.64 -11.34 25.52
N GLY B 294 8.41 -10.64 24.42
CA GLY B 294 7.09 -10.46 23.87
C GLY B 294 6.40 -9.16 24.23
N CYS B 295 6.88 -8.44 25.25
CA CYS B 295 6.24 -7.19 25.62
C CYS B 295 6.50 -6.13 24.55
N VAL B 296 5.50 -5.29 24.31
CA VAL B 296 5.57 -4.26 23.29
C VAL B 296 6.58 -3.20 23.74
N PRO B 297 7.65 -2.96 22.98
CA PRO B 297 8.63 -1.95 23.38
C PRO B 297 8.04 -0.54 23.33
N VAL B 298 8.48 0.28 24.29
CA VAL B 298 8.14 1.69 24.35
C VAL B 298 9.46 2.45 24.29
N VAL B 299 9.77 3.01 23.12
CA VAL B 299 11.04 3.71 22.91
C VAL B 299 10.83 5.19 23.23
N ILE B 300 11.59 5.69 24.19
CA ILE B 300 11.47 7.07 24.63
C ILE B 300 12.72 7.87 24.26
N ALA B 301 13.52 7.35 23.32
CA ALA B 301 14.64 8.11 22.78
C ALA B 301 14.12 9.21 21.86
N ASP B 302 14.75 10.39 21.92
CA ASP B 302 14.20 11.55 21.22
C ASP B 302 14.37 11.42 19.72
N SER B 303 15.61 11.36 19.24
CA SER B 303 15.92 11.25 17.82
C SER B 303 16.68 9.95 17.62
N TYR B 304 15.93 8.86 17.46
CA TYR B 304 16.50 7.53 17.31
C TYR B 304 15.81 6.82 16.16
N ILE B 305 16.59 6.25 15.27
CA ILE B 305 16.07 5.49 14.14
C ILE B 305 16.20 4.01 14.49
N LEU B 306 15.07 3.33 14.59
CA LEU B 306 15.05 1.96 15.06
C LEU B 306 15.76 1.04 14.06
N PRO B 307 16.32 -0.08 14.53
CA PRO B 307 17.03 -0.98 13.62
C PRO B 307 16.12 -1.50 12.51
N PHE B 308 16.69 -1.60 11.31
CA PHE B 308 15.99 -2.11 10.12
C PHE B 308 14.71 -1.32 9.84
N SER B 309 14.68 -0.04 10.22
CA SER B 309 13.50 0.78 9.98
C SER B 309 13.25 1.01 8.49
N GLU B 310 14.25 0.80 7.64
CA GLU B 310 14.06 0.94 6.22
C GLU B 310 13.06 -0.07 5.67
N VAL B 311 13.05 -1.28 6.23
CA VAL B 311 12.15 -2.33 5.75
C VAL B 311 11.18 -2.82 6.81
N LEU B 312 11.48 -2.65 8.11
CA LEU B 312 10.60 -3.13 9.16
C LEU B 312 9.66 -2.01 9.60
N ASP B 313 8.37 -2.32 9.67
CA ASP B 313 7.35 -1.35 10.05
C ASP B 313 7.17 -1.44 11.56
N TRP B 314 7.78 -0.51 12.29
CA TRP B 314 7.74 -0.53 13.74
C TRP B 314 6.43 0.03 14.30
N LYS B 315 5.62 0.69 13.47
CA LYS B 315 4.34 1.21 13.95
C LYS B 315 3.39 0.10 14.35
N ARG B 316 3.61 -1.12 13.85
CA ARG B 316 2.81 -2.28 14.20
C ARG B 316 3.44 -3.16 15.27
N ALA B 317 4.61 -2.77 15.80
CA ALA B 317 5.33 -3.59 16.76
C ALA B 317 5.85 -2.83 17.97
N SER B 318 5.88 -1.51 17.95
CA SER B 318 6.42 -0.73 19.05
C SER B 318 5.61 0.54 19.24
N VAL B 319 5.89 1.26 20.31
CA VAL B 319 5.30 2.56 20.58
C VAL B 319 6.44 3.54 20.83
N VAL B 320 6.50 4.60 20.04
CA VAL B 320 7.54 5.62 20.16
C VAL B 320 6.91 6.86 20.76
N VAL B 321 7.39 7.27 21.93
CA VAL B 321 6.87 8.43 22.63
C VAL B 321 8.03 9.39 22.88
N PRO B 322 7.92 10.66 22.47
CA PRO B 322 9.00 11.62 22.74
C PRO B 322 9.19 11.80 24.24
N GLU B 323 10.45 12.01 24.63
CA GLU B 323 10.80 12.03 26.05
C GLU B 323 10.28 13.26 26.78
N GLU B 324 9.82 14.28 26.08
CA GLU B 324 9.16 15.39 26.76
C GLU B 324 7.84 14.94 27.39
N LYS B 325 7.06 14.14 26.66
CA LYS B 325 5.76 13.69 27.12
C LYS B 325 5.85 12.35 27.86
N MET B 326 6.72 12.28 28.87
CA MET B 326 6.88 11.05 29.62
C MET B 326 5.74 10.86 30.63
N SER B 327 5.26 11.94 31.24
CA SER B 327 4.12 11.83 32.13
C SER B 327 2.84 11.47 31.39
N ASP B 328 2.82 11.64 30.08
CA ASP B 328 1.68 11.26 29.25
C ASP B 328 1.83 9.86 28.67
N VAL B 329 2.90 9.14 29.01
CA VAL B 329 3.13 7.81 28.46
C VAL B 329 2.02 6.86 28.87
N TYR B 330 1.62 6.89 30.14
CA TYR B 330 0.58 5.99 30.61
C TYR B 330 -0.75 6.25 29.91
N SER B 331 -1.11 7.53 29.75
CA SER B 331 -2.34 7.86 29.04
C SER B 331 -2.24 7.51 27.56
N ILE B 332 -1.04 7.63 26.98
CA ILE B 332 -0.84 7.23 25.59
C ILE B 332 -1.08 5.74 25.42
N LEU B 333 -0.52 4.92 26.33
CA LEU B 333 -0.63 3.47 26.21
C LEU B 333 -2.02 2.96 26.57
N GLN B 334 -2.73 3.65 27.47
CA GLN B 334 -4.07 3.21 27.83
C GLN B 334 -5.03 3.31 26.66
N SER B 335 -4.75 4.20 25.70
CA SER B 335 -5.63 4.37 24.56
C SER B 335 -5.54 3.20 23.59
N ILE B 336 -4.50 2.39 23.67
CA ILE B 336 -4.32 1.26 22.76
C ILE B 336 -5.21 0.10 23.20
N PRO B 337 -6.06 -0.43 22.32
CA PRO B 337 -6.94 -1.53 22.71
C PRO B 337 -6.17 -2.85 22.79
N GLN B 338 -6.88 -3.88 23.29
CA GLN B 338 -6.25 -5.16 23.56
C GLN B 338 -5.79 -5.87 22.30
N ARG B 339 -6.62 -5.85 21.25
CA ARG B 339 -6.25 -6.55 20.02
C ARG B 339 -4.98 -5.96 19.40
N GLN B 340 -4.85 -4.63 19.40
CA GLN B 340 -3.62 -4.02 18.90
C GLN B 340 -2.43 -4.43 19.74
N ILE B 341 -2.61 -4.54 21.06
CA ILE B 341 -1.51 -4.96 21.93
C ILE B 341 -1.09 -6.39 21.59
N GLU B 342 -2.05 -7.28 21.36
CA GLU B 342 -1.70 -8.64 20.99
C GLU B 342 -0.96 -8.68 19.66
N GLU B 343 -1.42 -7.89 18.68
CA GLU B 343 -0.73 -7.86 17.40
C GLU B 343 0.69 -7.34 17.54
N MET B 344 0.89 -6.30 18.36
CA MET B 344 2.23 -5.77 18.56
C MET B 344 3.12 -6.78 19.28
N GLN B 345 2.57 -7.53 20.23
CA GLN B 345 3.34 -8.59 20.86
C GLN B 345 3.79 -9.63 19.85
N ARG B 346 2.88 -10.05 18.98
CA ARG B 346 3.22 -11.01 17.94
C ARG B 346 4.30 -10.48 17.02
N GLN B 347 4.16 -9.22 16.59
CA GLN B 347 5.12 -8.63 15.67
C GLN B 347 6.49 -8.47 16.33
N ALA B 348 6.52 -8.09 17.61
CA ALA B 348 7.78 -7.98 18.32
C ALA B 348 8.47 -9.34 18.43
N ARG B 349 7.72 -10.38 18.77
CA ARG B 349 8.30 -11.71 18.86
C ARG B 349 8.83 -12.16 17.51
N TRP B 350 8.08 -11.91 16.44
CA TRP B 350 8.54 -12.28 15.10
C TRP B 350 9.80 -11.51 14.72
N PHE B 351 9.85 -10.21 15.03
CA PHE B 351 11.02 -9.42 14.73
C PHE B 351 12.24 -9.97 15.46
N TRP B 352 12.09 -10.33 16.74
CA TRP B 352 13.22 -10.90 17.47
C TRP B 352 13.66 -12.22 16.87
N GLU B 353 12.71 -13.11 16.58
CA GLU B 353 13.07 -14.44 16.10
C GLU B 353 13.61 -14.41 14.68
N ALA B 354 13.35 -13.35 13.92
CA ALA B 354 13.81 -13.28 12.53
C ALA B 354 15.07 -12.44 12.36
N TYR B 355 15.28 -11.40 13.15
CA TYR B 355 16.38 -10.49 12.88
C TYR B 355 17.25 -10.24 14.11
N PHE B 356 16.66 -10.28 15.31
CA PHE B 356 17.38 -9.98 16.54
C PHE B 356 17.94 -11.22 17.23
N GLN B 357 17.73 -12.41 16.66
CA GLN B 357 18.07 -13.64 17.38
C GLN B 357 19.57 -13.83 17.48
N SER B 358 20.30 -13.65 16.39
CA SER B 358 21.72 -13.95 16.37
C SER B 358 22.43 -13.02 15.39
N ILE B 359 23.76 -13.08 15.42
CA ILE B 359 24.58 -12.26 14.53
C ILE B 359 24.35 -12.67 13.08
N LYS B 360 24.07 -13.95 12.84
CA LYS B 360 23.78 -14.40 11.48
C LYS B 360 22.56 -13.70 10.91
N ALA B 361 21.51 -13.54 11.71
CA ALA B 361 20.31 -12.86 11.25
C ALA B 361 20.61 -11.40 10.92
N ILE B 362 21.39 -10.74 11.77
CA ILE B 362 21.74 -9.33 11.54
C ILE B 362 22.52 -9.19 10.25
N ALA B 363 23.52 -10.05 10.05
CA ALA B 363 24.34 -9.97 8.84
C ALA B 363 23.50 -10.22 7.60
N LEU B 364 22.67 -11.26 7.63
CA LEU B 364 21.84 -11.58 6.47
C LEU B 364 20.87 -10.45 6.17
N ALA B 365 20.25 -9.87 7.19
CA ALA B 365 19.30 -8.77 6.97
C ALA B 365 20.01 -7.54 6.41
N THR B 366 21.20 -7.22 6.92
CA THR B 366 21.93 -6.06 6.41
C THR B 366 22.33 -6.26 4.96
N LEU B 367 22.88 -7.44 4.64
CA LEU B 367 23.24 -7.71 3.25
C LEU B 367 22.02 -7.72 2.34
N GLN B 368 20.88 -8.22 2.83
CA GLN B 368 19.67 -8.21 2.04
C GLN B 368 19.20 -6.78 1.76
N ILE B 369 19.27 -5.91 2.77
CA ILE B 369 18.88 -4.51 2.60
C ILE B 369 19.77 -3.84 1.56
N ILE B 370 21.08 -4.06 1.67
CA ILE B 370 21.99 -3.49 0.68
C ILE B 370 21.69 -4.04 -0.71
N ASN B 371 21.39 -5.33 -0.80
CA ASN B 371 21.07 -5.93 -2.09
C ASN B 371 19.82 -5.30 -2.71
N ASP B 372 18.79 -5.08 -1.89
CA ASP B 372 17.61 -4.39 -2.40
C ASP B 372 17.94 -2.97 -2.84
N ARG B 373 18.85 -2.31 -2.13
CA ARG B 373 19.27 -0.97 -2.57
C ARG B 373 19.96 -1.04 -3.94
N ILE B 374 20.82 -2.04 -4.15
CA ILE B 374 21.57 -2.14 -5.39
C ILE B 374 20.64 -2.54 -6.55
N TYR B 375 19.73 -3.47 -6.31
CA TYR B 375 18.81 -3.97 -7.33
C TYR B 375 17.38 -3.81 -6.81
N PRO B 376 16.83 -2.61 -6.89
CA PRO B 376 15.46 -2.40 -6.41
C PRO B 376 14.41 -3.24 -7.11
N TYR B 377 14.61 -3.56 -8.40
CA TYR B 377 13.61 -4.31 -9.14
C TYR B 377 13.46 -5.73 -8.61
N ALA B 378 14.53 -6.31 -8.07
CA ALA B 378 14.49 -7.66 -7.50
C ALA B 378 14.32 -7.67 -5.99
N ALA B 379 14.02 -6.51 -5.39
CA ALA B 379 13.92 -6.41 -3.94
C ALA B 379 12.75 -7.24 -3.42
N ILE B 380 12.94 -7.79 -2.21
CA ILE B 380 11.86 -8.53 -1.57
C ILE B 380 10.78 -7.57 -1.09
N SER B 381 9.61 -8.13 -0.75
CA SER B 381 8.47 -7.25 -0.36
C SER B 381 8.50 -6.89 1.12
N TYR B 382 8.05 -5.68 1.46
CA TYR B 382 7.99 -5.21 2.88
C TYR B 382 7.03 -6.12 3.66
N GLU B 383 5.99 -6.61 2.99
CA GLU B 383 5.02 -7.54 3.65
C GLU B 383 5.77 -8.81 4.05
N GLU B 384 6.47 -9.45 3.10
CA GLU B 384 7.29 -10.65 3.43
C GLU B 384 8.22 -10.29 4.59
N TRP B 385 8.82 -9.09 4.55
CA TRP B 385 9.71 -8.63 5.63
C TRP B 385 9.04 -8.72 7.01
N ASN B 386 7.93 -8.01 7.23
CA ASN B 386 7.41 -7.96 8.64
C ASN B 386 6.27 -8.95 8.98
N ASP B 387 6.01 -9.98 8.16
CA ASP B 387 4.86 -10.80 8.51
C ASP B 387 5.36 -12.12 9.11
N PRO B 388 4.83 -12.52 10.26
CA PRO B 388 5.20 -13.81 10.85
C PRO B 388 4.74 -14.95 9.97
N PRO B 389 5.31 -16.14 10.15
CA PRO B 389 4.86 -17.28 9.34
C PRO B 389 3.37 -17.56 9.44
N ALA B 390 2.79 -17.39 10.63
CA ALA B 390 1.35 -17.59 10.78
C ALA B 390 0.56 -16.61 9.93
N VAL B 391 0.95 -15.33 9.96
CA VAL B 391 0.29 -14.33 9.13
C VAL B 391 0.49 -14.64 7.66
N LYS B 392 1.70 -15.05 7.28
CA LYS B 392 1.98 -15.39 5.89
C LYS B 392 1.07 -16.52 5.40
N TRP B 393 0.88 -17.54 6.24
CA TRP B 393 -0.05 -18.61 5.89
C TRP B 393 -1.48 -18.10 5.81
N GLY B 394 -1.86 -17.21 6.73
CA GLY B 394 -3.22 -16.69 6.72
C GLY B 394 -3.46 -15.63 5.67
N SER B 395 -2.42 -14.89 5.31
CA SER B 395 -2.58 -13.77 4.38
C SER B 395 -2.93 -14.25 2.98
N VAL B 396 -3.55 -13.36 2.22
CA VAL B 396 -4.01 -13.69 0.87
C VAL B 396 -3.08 -13.08 -0.17
N SER B 397 -2.93 -11.76 -0.14
CA SER B 397 -2.12 -11.01 -1.12
C SER B 397 -2.65 -11.23 -2.54
N ASN B 398 -3.87 -10.76 -2.75
CA ASN B 398 -4.54 -10.92 -4.03
C ASN B 398 -3.75 -10.20 -5.13
N PRO B 399 -3.36 -10.90 -6.21
CA PRO B 399 -2.57 -10.24 -7.25
C PRO B 399 -3.38 -9.30 -8.13
N LEU B 400 -4.65 -9.62 -8.37
CA LEU B 400 -5.54 -8.74 -9.13
C LEU B 400 -6.24 -7.77 -8.19
N PHE B 401 -5.43 -6.98 -7.48
CA PHE B 401 -5.96 -6.13 -6.42
C PHE B 401 -6.51 -4.81 -6.92
N LEU B 402 -6.24 -4.44 -8.17
CA LEU B 402 -6.71 -3.15 -8.68
C LEU B 402 -8.21 -3.22 -8.94
N PRO B 403 -9.01 -2.36 -8.31
CA PRO B 403 -10.48 -2.37 -8.52
C PRO B 403 -10.91 -1.62 -9.77
N LEU B 404 -10.83 -2.31 -10.90
CA LEU B 404 -11.25 -1.78 -12.19
C LEU B 404 -12.42 -2.59 -12.72
N ILE B 405 -13.40 -1.90 -13.31
CA ILE B 405 -14.56 -2.54 -13.93
C ILE B 405 -14.39 -2.45 -15.44
N PRO B 406 -14.17 -3.56 -16.14
CA PRO B 406 -13.92 -3.49 -17.58
C PRO B 406 -15.16 -3.01 -18.32
N PRO B 407 -14.99 -2.26 -19.40
CA PRO B 407 -16.15 -1.80 -20.17
C PRO B 407 -16.77 -2.93 -20.98
N GLN B 408 -18.03 -2.73 -21.35
CA GLN B 408 -18.78 -3.71 -22.13
C GLN B 408 -18.29 -3.81 -23.57
N SER B 409 -17.48 -2.86 -24.03
CA SER B 409 -17.00 -2.90 -25.42
C SER B 409 -16.14 -4.12 -25.69
N GLN B 410 -15.53 -4.68 -24.65
CA GLN B 410 -14.72 -5.89 -24.80
C GLN B 410 -15.66 -7.10 -24.79
N GLY B 411 -15.10 -8.30 -24.71
CA GLY B 411 -15.91 -9.49 -24.64
C GLY B 411 -15.27 -10.62 -23.86
N PHE B 412 -15.71 -11.84 -24.10
CA PHE B 412 -15.15 -13.02 -23.46
C PHE B 412 -14.95 -14.11 -24.50
N THR B 413 -13.81 -14.79 -24.43
CA THR B 413 -13.48 -15.87 -25.37
C THR B 413 -13.98 -17.18 -24.76
N ALA B 414 -15.10 -17.67 -25.27
CA ALA B 414 -15.64 -18.93 -24.79
C ALA B 414 -14.75 -20.08 -25.26
N ILE B 415 -14.33 -20.91 -24.32
CA ILE B 415 -13.55 -22.10 -24.61
C ILE B 415 -14.43 -23.31 -24.36
N VAL B 416 -14.64 -24.12 -25.40
CA VAL B 416 -15.54 -25.26 -25.33
C VAL B 416 -14.71 -26.52 -25.46
N LEU B 417 -14.93 -27.47 -24.56
CA LEU B 417 -14.17 -28.71 -24.52
C LEU B 417 -15.09 -29.88 -24.81
N THR B 418 -14.70 -30.72 -25.78
CA THR B 418 -15.44 -31.91 -26.15
C THR B 418 -14.49 -33.04 -26.44
N TYR B 419 -14.96 -34.28 -26.24
CA TYR B 419 -14.26 -35.47 -26.70
C TYR B 419 -15.31 -36.53 -27.03
N ASP B 420 -15.27 -37.05 -28.26
CA ASP B 420 -16.21 -38.06 -28.73
C ASP B 420 -17.66 -37.58 -28.56
N ARG B 421 -17.86 -36.27 -28.76
CA ARG B 421 -19.20 -35.68 -28.68
C ARG B 421 -19.24 -34.52 -29.67
N VAL B 422 -19.89 -34.73 -30.80
CA VAL B 422 -20.00 -33.73 -31.84
C VAL B 422 -21.43 -33.23 -32.00
N GLU B 423 -22.41 -34.14 -31.90
CA GLU B 423 -23.81 -33.75 -32.08
C GLU B 423 -24.35 -32.92 -30.94
N SER B 424 -23.65 -32.87 -29.79
CA SER B 424 -24.03 -31.99 -28.69
C SER B 424 -23.14 -30.77 -28.59
N LEU B 425 -21.92 -30.82 -29.12
CA LEU B 425 -21.09 -29.62 -29.21
C LEU B 425 -21.73 -28.57 -30.10
N PHE B 426 -22.33 -29.01 -31.20
CA PHE B 426 -22.95 -28.07 -32.13
C PHE B 426 -24.15 -27.38 -31.50
N ARG B 427 -24.97 -28.14 -30.76
CA ARG B 427 -26.17 -27.59 -30.16
C ARG B 427 -25.84 -26.52 -29.12
N VAL B 428 -24.67 -26.61 -28.49
CA VAL B 428 -24.28 -25.61 -27.50
C VAL B 428 -23.49 -24.46 -28.14
N ILE B 429 -22.71 -24.73 -29.19
CA ILE B 429 -22.01 -23.64 -29.86
C ILE B 429 -22.99 -22.72 -30.55
N THR B 430 -24.09 -23.27 -31.08
CA THR B 430 -25.10 -22.44 -31.71
C THR B 430 -25.73 -21.47 -30.71
N GLU B 431 -26.02 -21.95 -29.50
CA GLU B 431 -26.65 -21.10 -28.50
C GLU B 431 -25.64 -20.11 -27.91
N VAL B 432 -24.39 -20.52 -27.73
CA VAL B 432 -23.37 -19.62 -27.19
C VAL B 432 -23.10 -18.48 -28.16
N SER B 433 -23.03 -18.79 -29.46
CA SER B 433 -22.69 -17.77 -30.45
C SER B 433 -23.72 -16.65 -30.51
N LYS B 434 -24.94 -16.89 -30.01
CA LYS B 434 -25.97 -15.86 -30.04
C LYS B 434 -25.71 -14.74 -29.03
N VAL B 435 -24.90 -15.02 -28.02
CA VAL B 435 -24.71 -14.10 -26.90
C VAL B 435 -23.98 -12.84 -27.35
N PRO B 436 -24.47 -11.65 -27.02
CA PRO B 436 -23.74 -10.42 -27.34
C PRO B 436 -22.47 -10.30 -26.52
N SER B 437 -21.54 -9.52 -27.03
CA SER B 437 -20.23 -9.30 -26.40
C SER B 437 -19.46 -10.60 -26.21
N LEU B 438 -19.63 -11.54 -27.14
CA LEU B 438 -18.81 -12.74 -27.22
C LEU B 438 -17.78 -12.50 -28.30
N SER B 439 -16.57 -12.09 -27.90
CA SER B 439 -15.57 -11.68 -28.87
C SER B 439 -15.09 -12.86 -29.71
N LYS B 440 -14.83 -14.00 -29.08
CA LYS B 440 -14.20 -15.12 -29.79
C LYS B 440 -14.71 -16.42 -29.17
N LEU B 441 -14.59 -17.50 -29.94
CA LEU B 441 -15.00 -18.83 -29.47
C LEU B 441 -13.92 -19.82 -29.87
N LEU B 442 -13.30 -20.46 -28.88
CA LEU B 442 -12.28 -21.48 -29.11
C LEU B 442 -12.84 -22.85 -28.77
N VAL B 443 -12.57 -23.82 -29.63
CA VAL B 443 -12.96 -25.21 -29.38
C VAL B 443 -11.67 -26.02 -29.31
N VAL B 444 -11.51 -26.77 -28.21
CA VAL B 444 -10.34 -27.61 -28.00
C VAL B 444 -10.74 -29.05 -28.28
N TRP B 445 -9.97 -29.71 -29.13
CA TRP B 445 -10.30 -31.06 -29.60
C TRP B 445 -9.44 -32.07 -28.84
N ASN B 446 -10.04 -32.73 -27.86
CA ASN B 446 -9.28 -33.69 -27.04
C ASN B 446 -9.03 -34.99 -27.78
N ASN B 447 -10.08 -35.62 -28.30
CA ASN B 447 -9.95 -36.95 -28.90
C ASN B 447 -9.01 -36.91 -30.08
N GLN B 448 -7.84 -37.51 -29.93
CA GLN B 448 -6.80 -37.43 -30.96
C GLN B 448 -7.03 -38.44 -32.07
N ASN B 449 -7.57 -39.62 -31.74
CA ASN B 449 -7.83 -40.63 -32.76
C ASN B 449 -8.87 -40.14 -33.76
N LYS B 450 -9.95 -39.53 -33.27
CA LYS B 450 -10.97 -39.00 -34.16
C LYS B 450 -10.51 -37.68 -34.76
N ASN B 451 -11.06 -37.36 -35.93
CA ASN B 451 -10.69 -36.17 -36.67
C ASN B 451 -11.72 -35.07 -36.46
N PRO B 452 -11.31 -33.81 -36.56
CA PRO B 452 -12.26 -32.71 -36.44
C PRO B 452 -13.24 -32.72 -37.61
N PRO B 453 -14.47 -32.26 -37.40
CA PRO B 453 -15.43 -32.20 -38.50
C PRO B 453 -15.01 -31.18 -39.54
N GLU B 454 -15.65 -31.26 -40.70
CA GLU B 454 -15.33 -30.37 -41.81
C GLU B 454 -15.65 -28.93 -41.47
N ASP B 455 -14.86 -28.01 -42.03
CA ASP B 455 -15.07 -26.60 -41.76
C ASP B 455 -16.44 -26.13 -42.23
N SER B 456 -16.90 -26.64 -43.37
CA SER B 456 -18.24 -26.31 -43.84
C SER B 456 -19.30 -26.83 -42.90
N LEU B 457 -19.01 -27.94 -42.21
CA LEU B 457 -19.99 -28.52 -41.29
C LEU B 457 -20.20 -27.66 -40.05
N TRP B 458 -19.23 -26.82 -39.70
CA TRP B 458 -19.37 -25.95 -38.53
C TRP B 458 -20.50 -24.94 -38.75
N PRO B 459 -21.15 -24.49 -37.68
CA PRO B 459 -22.32 -23.62 -37.85
C PRO B 459 -21.93 -22.25 -38.38
N LYS B 460 -22.93 -21.45 -38.74
CA LYS B 460 -22.72 -20.07 -39.17
C LYS B 460 -22.84 -19.18 -37.94
N ILE B 461 -21.71 -18.63 -37.50
CA ILE B 461 -21.65 -17.81 -36.30
C ILE B 461 -21.16 -16.41 -36.68
N ARG B 462 -21.31 -15.47 -35.75
CA ARG B 462 -20.95 -14.08 -35.97
C ARG B 462 -19.56 -13.75 -35.46
N VAL B 463 -18.81 -14.73 -34.96
CA VAL B 463 -17.56 -14.45 -34.26
C VAL B 463 -16.43 -15.25 -34.89
N PRO B 464 -15.18 -14.79 -34.81
CA PRO B 464 -14.07 -15.57 -35.37
C PRO B 464 -13.81 -16.85 -34.60
N LEU B 465 -14.09 -17.99 -35.23
CA LEU B 465 -13.89 -19.29 -34.61
C LEU B 465 -12.48 -19.80 -34.88
N LYS B 466 -11.96 -20.58 -33.94
CA LYS B 466 -10.66 -21.22 -34.11
C LYS B 466 -10.70 -22.58 -33.41
N VAL B 467 -9.90 -23.51 -33.94
CA VAL B 467 -9.80 -24.86 -33.40
C VAL B 467 -8.36 -25.12 -33.02
N VAL B 468 -8.14 -25.66 -31.83
CA VAL B 468 -6.81 -25.93 -31.30
C VAL B 468 -6.55 -27.42 -31.38
N ARG B 469 -5.45 -27.79 -32.04
CA ARG B 469 -5.05 -29.18 -32.18
C ARG B 469 -4.13 -29.54 -31.02
N THR B 470 -4.65 -30.33 -30.09
CA THR B 470 -3.90 -30.68 -28.90
C THR B 470 -2.79 -31.69 -29.23
N ALA B 471 -1.64 -31.52 -28.57
CA ALA B 471 -0.56 -32.49 -28.73
C ALA B 471 -0.89 -33.80 -28.05
N GLU B 472 -1.53 -33.74 -26.88
CA GLU B 472 -1.89 -34.92 -26.09
C GLU B 472 -3.39 -34.90 -25.83
N ASN B 473 -3.85 -35.85 -25.02
CA ASN B 473 -5.24 -35.93 -24.58
C ASN B 473 -5.25 -35.81 -23.07
N LYS B 474 -5.26 -34.56 -22.59
CA LYS B 474 -5.33 -34.27 -21.17
C LYS B 474 -6.38 -33.20 -20.94
N LEU B 475 -7.18 -33.40 -19.89
CA LEU B 475 -8.32 -32.52 -19.64
C LEU B 475 -7.90 -31.22 -18.97
N SER B 476 -6.63 -31.09 -18.60
CA SER B 476 -6.07 -29.85 -18.07
C SER B 476 -5.63 -28.89 -19.17
N ASN B 477 -5.79 -29.25 -20.43
CA ASN B 477 -5.36 -28.42 -21.54
C ASN B 477 -6.32 -27.26 -21.80
N ARG B 478 -7.54 -27.34 -21.28
CA ARG B 478 -8.48 -26.24 -21.46
C ARG B 478 -8.08 -25.00 -20.66
N PHE B 479 -7.23 -25.16 -19.65
CA PHE B 479 -6.80 -24.04 -18.82
C PHE B 479 -5.47 -23.44 -19.29
N PHE B 480 -4.95 -23.88 -20.43
CA PHE B 480 -3.71 -23.31 -20.93
C PHE B 480 -3.93 -21.87 -21.38
N PRO B 481 -3.04 -20.95 -21.01
CA PRO B 481 -3.21 -19.56 -21.46
C PRO B 481 -2.90 -19.40 -22.94
N TYR B 482 -3.94 -19.26 -23.74
CA TYR B 482 -3.77 -19.18 -25.19
C TYR B 482 -3.46 -17.75 -25.60
N ASP B 483 -2.44 -17.58 -26.44
CA ASP B 483 -2.11 -16.27 -26.98
C ASP B 483 -3.18 -15.73 -27.90
N GLU B 484 -4.11 -16.58 -28.34
CA GLU B 484 -5.22 -16.15 -29.19
C GLU B 484 -6.34 -15.49 -28.39
N ILE B 485 -6.30 -15.56 -27.07
CA ILE B 485 -7.32 -14.96 -26.22
C ILE B 485 -6.97 -13.49 -26.02
N GLU B 486 -7.76 -12.60 -26.64
CA GLU B 486 -7.51 -11.17 -26.60
C GLU B 486 -8.37 -10.46 -25.55
N THR B 487 -9.10 -11.20 -24.73
CA THR B 487 -9.97 -10.63 -23.72
C THR B 487 -9.47 -11.00 -22.32
N GLU B 488 -10.22 -10.56 -21.31
CA GLU B 488 -9.95 -10.92 -19.93
C GLU B 488 -10.84 -12.06 -19.44
N ALA B 489 -12.15 -11.94 -19.63
CA ALA B 489 -13.07 -12.98 -19.20
C ALA B 489 -12.97 -14.19 -20.12
N VAL B 490 -13.02 -15.38 -19.51
CA VAL B 490 -12.98 -16.64 -20.24
C VAL B 490 -14.16 -17.48 -19.79
N LEU B 491 -15.03 -17.82 -20.73
CA LEU B 491 -16.21 -18.63 -20.45
C LEU B 491 -15.89 -20.08 -20.77
N ALA B 492 -15.72 -20.90 -19.73
CA ALA B 492 -15.51 -22.32 -19.89
C ALA B 492 -16.85 -23.03 -19.80
N ILE B 493 -17.25 -23.69 -20.89
CA ILE B 493 -18.54 -24.38 -20.96
C ILE B 493 -18.31 -25.78 -21.51
N ASP B 494 -19.11 -26.72 -21.03
CA ASP B 494 -19.00 -28.11 -21.43
C ASP B 494 -20.14 -28.50 -22.36
N ASP B 495 -19.90 -29.56 -23.14
CA ASP B 495 -20.86 -29.99 -24.14
C ASP B 495 -22.17 -30.45 -23.51
N ASP B 496 -22.09 -31.17 -22.38
CA ASP B 496 -23.30 -31.66 -21.73
C ASP B 496 -24.17 -30.53 -21.21
N ILE B 497 -23.59 -29.36 -20.98
CA ILE B 497 -24.33 -28.24 -20.41
C ILE B 497 -25.13 -27.57 -21.53
N ILE B 498 -26.45 -27.63 -21.43
CA ILE B 498 -27.31 -27.15 -22.50
C ILE B 498 -28.37 -26.16 -22.05
N MET B 499 -28.85 -26.22 -20.81
CA MET B 499 -30.00 -25.39 -20.40
C MET B 499 -29.57 -23.98 -20.01
N LEU B 500 -28.87 -23.29 -20.90
CA LEU B 500 -28.47 -21.90 -20.71
C LEU B 500 -28.90 -21.07 -21.91
N THR B 501 -29.55 -19.95 -21.65
CA THR B 501 -30.01 -19.05 -22.68
C THR B 501 -28.96 -17.96 -22.95
N SER B 502 -29.19 -17.20 -24.01
CA SER B 502 -28.31 -16.07 -24.32
C SER B 502 -28.37 -15.02 -23.21
N ASP B 503 -29.55 -14.75 -22.69
CA ASP B 503 -29.69 -13.83 -21.56
C ASP B 503 -28.95 -14.36 -20.35
N GLU B 504 -28.98 -15.68 -20.14
CA GLU B 504 -28.24 -16.29 -19.04
C GLU B 504 -26.76 -15.96 -19.11
N LEU B 505 -26.14 -16.21 -20.27
CA LEU B 505 -24.71 -15.97 -20.41
C LEU B 505 -24.39 -14.48 -20.34
N GLN B 506 -25.25 -13.64 -20.93
CA GLN B 506 -25.02 -12.20 -20.89
C GLN B 506 -25.06 -11.67 -19.47
N PHE B 507 -26.04 -12.13 -18.68
CA PHE B 507 -26.12 -11.73 -17.28
C PHE B 507 -24.92 -12.24 -16.49
N GLY B 508 -24.47 -13.47 -16.78
CA GLY B 508 -23.28 -13.97 -16.11
C GLY B 508 -22.07 -13.13 -16.40
N TYR B 509 -21.89 -12.72 -17.66
CA TYR B 509 -20.76 -11.86 -18.00
C TYR B 509 -20.89 -10.49 -17.33
N GLU B 510 -22.11 -9.95 -17.28
CA GLU B 510 -22.31 -8.66 -16.63
C GLU B 510 -21.98 -8.73 -15.15
N VAL B 511 -22.31 -9.85 -14.50
CA VAL B 511 -21.94 -10.05 -13.11
C VAL B 511 -20.44 -10.18 -12.95
N TRP B 512 -19.78 -10.85 -13.92
CA TRP B 512 -18.33 -10.99 -13.84
C TRP B 512 -17.65 -9.63 -13.92
N ARG B 513 -18.21 -8.70 -14.70
CA ARG B 513 -17.58 -7.39 -14.84
C ARG B 513 -17.50 -6.66 -13.51
N GLU B 514 -18.41 -6.95 -12.59
CA GLU B 514 -18.35 -6.34 -11.27
C GLU B 514 -17.42 -7.07 -10.31
N PHE B 515 -17.03 -8.30 -10.63
CA PHE B 515 -16.05 -9.06 -9.86
C PHE B 515 -15.01 -9.67 -10.79
N PRO B 516 -14.12 -8.85 -11.36
CA PRO B 516 -13.12 -9.39 -12.31
C PRO B 516 -12.16 -10.38 -11.68
N ASP B 517 -11.97 -10.35 -10.36
CA ASP B 517 -10.87 -11.05 -9.71
C ASP B 517 -11.29 -12.33 -9.02
N ARG B 518 -12.51 -12.82 -9.26
CA ARG B 518 -12.95 -14.05 -8.63
C ARG B 518 -13.65 -14.91 -9.68
N LEU B 519 -14.25 -16.01 -9.23
CA LEU B 519 -14.87 -17.00 -10.09
C LEU B 519 -16.38 -16.84 -10.08
N VAL B 520 -16.97 -16.73 -11.26
CA VAL B 520 -18.42 -16.61 -11.42
C VAL B 520 -18.89 -17.80 -12.25
N GLY B 521 -19.77 -18.61 -11.68
CA GLY B 521 -20.19 -19.83 -12.33
C GLY B 521 -21.63 -20.15 -12.01
N TYR B 522 -22.30 -20.82 -12.96
CA TYR B 522 -23.71 -21.15 -12.85
C TYR B 522 -23.97 -22.38 -11.99
N PRO B 523 -23.29 -23.51 -12.20
CA PRO B 523 -23.56 -24.69 -11.36
C PRO B 523 -23.07 -24.49 -9.94
N GLY B 524 -23.71 -25.19 -9.00
CA GLY B 524 -23.39 -25.02 -7.60
C GLY B 524 -23.10 -26.30 -6.84
N ARG B 525 -21.88 -26.39 -6.29
CA ARG B 525 -21.47 -27.51 -5.45
C ARG B 525 -20.75 -26.98 -4.23
N LEU B 526 -20.79 -27.75 -3.15
CA LEU B 526 -20.13 -27.37 -1.90
C LEU B 526 -19.56 -28.61 -1.22
N HIS B 527 -18.89 -28.36 -0.10
CA HIS B 527 -18.22 -29.40 0.68
C HIS B 527 -18.73 -29.37 2.11
N LEU B 528 -18.88 -30.57 2.70
CA LEU B 528 -19.29 -30.71 4.08
C LEU B 528 -18.27 -31.58 4.82
N TRP B 529 -18.34 -31.54 6.14
CA TRP B 529 -17.45 -32.29 7.02
C TRP B 529 -18.25 -33.33 7.78
N ASP B 530 -17.79 -34.58 7.74
CA ASP B 530 -18.43 -35.67 8.46
C ASP B 530 -17.52 -36.13 9.59
N HIS B 531 -18.10 -36.29 10.78
CA HIS B 531 -17.31 -36.71 11.94
C HIS B 531 -16.96 -38.19 11.87
N GLU B 532 -17.82 -39.00 11.27
CA GLU B 532 -17.60 -40.44 11.24
C GLU B 532 -16.39 -40.82 10.38
N MET B 533 -16.22 -40.16 9.22
CA MET B 533 -15.02 -40.36 8.41
C MET B 533 -13.92 -39.35 8.72
N ASN B 534 -14.22 -38.27 9.44
CA ASN B 534 -13.24 -37.26 9.81
C ASN B 534 -12.55 -36.67 8.58
N LYS B 535 -13.31 -36.54 7.49
CA LYS B 535 -12.80 -36.01 6.23
C LYS B 535 -13.89 -35.17 5.57
N TRP B 536 -13.54 -34.55 4.45
CA TRP B 536 -14.48 -33.77 3.67
C TRP B 536 -15.25 -34.67 2.70
N LYS B 537 -16.42 -34.20 2.29
CA LYS B 537 -17.21 -34.91 1.29
C LYS B 537 -17.72 -33.92 0.25
N TYR B 538 -17.92 -34.43 -0.97
CA TYR B 538 -18.43 -33.63 -2.07
C TYR B 538 -19.95 -33.77 -2.12
N GLU B 539 -20.65 -32.69 -1.84
CA GLU B 539 -22.10 -32.72 -1.71
C GLU B 539 -22.72 -31.81 -2.76
N SER B 540 -23.66 -32.35 -3.53
CA SER B 540 -24.38 -31.60 -4.54
C SER B 540 -25.88 -31.84 -4.55
N GLU B 541 -26.40 -32.82 -3.81
CA GLU B 541 -27.82 -33.13 -3.86
C GLU B 541 -28.67 -31.98 -3.36
N TRP B 542 -28.24 -31.33 -2.27
CA TRP B 542 -28.97 -30.23 -1.67
C TRP B 542 -28.06 -29.01 -1.62
N THR B 543 -28.68 -27.82 -1.57
CA THR B 543 -27.93 -26.57 -1.58
C THR B 543 -28.58 -25.58 -0.63
N ASN B 544 -27.97 -25.41 0.55
CA ASN B 544 -28.25 -24.28 1.41
C ASN B 544 -27.12 -23.28 1.44
N GLU B 545 -25.91 -23.71 1.11
CA GLU B 545 -24.76 -22.83 0.91
C GLU B 545 -23.98 -23.35 -0.28
N VAL B 546 -23.04 -22.54 -0.77
CA VAL B 546 -22.16 -22.93 -1.86
C VAL B 546 -20.73 -22.58 -1.50
N SER B 547 -19.79 -23.36 -2.01
CA SER B 547 -18.37 -23.05 -1.91
C SER B 547 -17.61 -23.24 -3.22
N MET B 548 -18.19 -23.90 -4.21
CA MET B 548 -17.56 -24.08 -5.51
C MET B 548 -18.59 -23.95 -6.61
N VAL B 549 -18.12 -23.54 -7.78
CA VAL B 549 -18.89 -23.60 -9.02
C VAL B 549 -18.07 -24.39 -10.03
N LEU B 550 -18.73 -25.23 -10.80
CA LEU B 550 -18.02 -26.10 -11.72
C LEU B 550 -17.41 -25.26 -12.82
N THR B 551 -16.23 -25.66 -13.31
CA THR B 551 -15.60 -24.89 -14.38
C THR B 551 -16.46 -24.86 -15.63
N GLY B 552 -17.27 -25.88 -15.87
CA GLY B 552 -18.29 -25.79 -16.90
C GLY B 552 -19.28 -24.68 -16.57
N ALA B 553 -19.53 -23.79 -17.51
CA ALA B 553 -20.38 -22.62 -17.31
C ALA B 553 -19.82 -21.75 -16.18
N ALA B 554 -18.62 -21.23 -16.41
CA ALA B 554 -17.96 -20.38 -15.45
C ALA B 554 -17.23 -19.24 -16.17
N PHE B 555 -17.22 -18.07 -15.54
CA PHE B 555 -16.46 -16.92 -16.01
C PHE B 555 -15.30 -16.68 -15.06
N TYR B 556 -14.10 -16.51 -15.61
CA TYR B 556 -12.95 -16.21 -14.80
C TYR B 556 -11.89 -15.49 -15.64
N HIS B 557 -10.98 -14.83 -14.94
CA HIS B 557 -9.91 -14.10 -15.60
C HIS B 557 -8.89 -15.07 -16.18
N LYS B 558 -8.31 -14.69 -17.33
CA LYS B 558 -7.30 -15.53 -17.96
C LYS B 558 -6.06 -15.69 -17.08
N TYR B 559 -5.83 -14.76 -16.15
CA TYR B 559 -4.77 -14.93 -15.17
C TYR B 559 -4.96 -16.20 -14.37
N PHE B 560 -6.20 -16.64 -14.18
CA PHE B 560 -6.45 -17.90 -13.49
C PHE B 560 -6.00 -19.08 -14.35
N ASN B 561 -6.18 -18.99 -15.67
CA ASN B 561 -5.61 -20.00 -16.55
C ASN B 561 -4.09 -20.03 -16.43
N TYR B 562 -3.46 -18.86 -16.38
CA TYR B 562 -2.01 -18.81 -16.21
C TYR B 562 -1.59 -19.45 -14.89
N LEU B 563 -2.33 -19.17 -13.82
CA LEU B 563 -2.03 -19.75 -12.52
C LEU B 563 -2.17 -21.26 -12.56
N TYR B 564 -3.25 -21.76 -13.16
CA TYR B 564 -3.44 -23.20 -13.27
C TYR B 564 -2.29 -23.84 -14.03
N THR B 565 -1.86 -23.22 -15.13
CA THR B 565 -0.85 -23.85 -15.97
C THR B 565 0.54 -23.81 -15.32
N TYR B 566 0.88 -22.73 -14.64
CA TYR B 566 2.25 -22.54 -14.18
C TYR B 566 2.42 -22.52 -12.66
N LYS B 567 1.57 -21.80 -11.93
CA LYS B 567 1.78 -21.57 -10.51
C LYS B 567 1.05 -22.55 -9.61
N MET B 568 0.40 -23.56 -10.16
CA MET B 568 -0.15 -24.63 -9.34
C MET B 568 0.98 -25.41 -8.68
N PRO B 569 0.78 -25.88 -7.45
CA PRO B 569 1.75 -26.81 -6.86
C PRO B 569 1.93 -28.05 -7.73
N GLY B 570 3.08 -28.70 -7.55
CA GLY B 570 3.49 -29.77 -8.45
C GLY B 570 2.73 -31.08 -8.31
N ASP B 571 1.76 -31.15 -7.39
CA ASP B 571 1.02 -32.39 -7.19
C ASP B 571 -0.35 -32.39 -7.87
N ILE B 572 -1.08 -31.28 -7.82
CA ILE B 572 -2.46 -31.27 -8.29
C ILE B 572 -2.53 -31.51 -9.80
N LYS B 573 -1.67 -30.83 -10.57
CA LYS B 573 -1.78 -30.89 -12.02
C LYS B 573 -1.51 -32.29 -12.55
N ASN B 574 -0.42 -32.92 -12.09
CA ASN B 574 -0.11 -34.26 -12.55
C ASN B 574 -1.11 -35.29 -12.04
N TRP B 575 -1.59 -35.11 -10.81
CA TRP B 575 -2.62 -36.00 -10.28
C TRP B 575 -3.88 -35.94 -11.14
N VAL B 576 -4.31 -34.75 -11.51
CA VAL B 576 -5.50 -34.58 -12.34
C VAL B 576 -5.26 -35.13 -13.74
N ASP B 577 -4.08 -34.87 -14.33
CA ASP B 577 -3.77 -35.43 -15.64
C ASP B 577 -3.72 -36.96 -15.58
N ALA B 578 -3.44 -37.51 -14.41
CA ALA B 578 -3.52 -38.96 -14.25
C ALA B 578 -4.96 -39.44 -14.18
N HIS B 579 -5.81 -38.73 -13.44
CA HIS B 579 -7.12 -39.26 -13.09
C HIS B 579 -8.25 -38.85 -14.03
N MET B 580 -8.02 -37.95 -14.99
CA MET B 580 -9.07 -37.51 -15.92
C MET B 580 -10.32 -37.00 -15.21
N ASN B 581 -10.13 -36.29 -14.10
CA ASN B 581 -11.26 -35.73 -13.37
C ASN B 581 -10.76 -34.66 -12.41
N CYS B 582 -11.71 -33.89 -11.89
CA CYS B 582 -11.48 -32.95 -10.79
C CYS B 582 -10.61 -31.77 -11.21
N GLU B 583 -10.85 -31.26 -12.42
CA GLU B 583 -10.23 -29.99 -12.83
C GLU B 583 -11.00 -28.81 -12.28
N ASP B 584 -12.33 -28.94 -12.25
CA ASP B 584 -13.20 -27.92 -11.70
C ASP B 584 -12.91 -27.66 -10.22
N ILE B 585 -12.77 -28.73 -9.44
CA ILE B 585 -12.47 -28.57 -8.02
C ILE B 585 -11.09 -27.96 -7.83
N ALA B 586 -10.12 -28.37 -8.64
CA ALA B 586 -8.78 -27.80 -8.54
C ALA B 586 -8.78 -26.31 -8.87
N MET B 587 -9.51 -25.90 -9.90
CA MET B 587 -9.59 -24.48 -10.24
C MET B 587 -10.28 -23.68 -9.14
N ASN B 588 -11.35 -24.23 -8.56
CA ASN B 588 -12.00 -23.55 -7.44
C ASN B 588 -11.06 -23.39 -6.27
N PHE B 589 -10.31 -24.46 -5.95
CA PHE B 589 -9.33 -24.39 -4.87
C PHE B 589 -8.28 -23.32 -5.15
N LEU B 590 -7.76 -23.29 -6.37
CA LEU B 590 -6.72 -22.31 -6.71
C LEU B 590 -7.24 -20.89 -6.63
N VAL B 591 -8.46 -20.66 -7.13
CA VAL B 591 -9.03 -19.31 -7.08
C VAL B 591 -9.24 -18.89 -5.63
N ALA B 592 -9.79 -19.79 -4.80
CA ALA B 592 -10.01 -19.45 -3.41
C ALA B 592 -8.70 -19.21 -2.67
N ASN B 593 -7.64 -19.93 -3.01
CA ASN B 593 -6.37 -19.77 -2.32
C ASN B 593 -5.66 -18.49 -2.74
N VAL B 594 -5.68 -18.17 -4.04
CA VAL B 594 -4.91 -17.03 -4.53
C VAL B 594 -5.66 -15.73 -4.29
N THR B 595 -6.95 -15.70 -4.58
CA THR B 595 -7.73 -14.47 -4.42
C THR B 595 -8.24 -14.26 -3.01
N GLY B 596 -8.41 -15.35 -2.25
CA GLY B 596 -8.92 -15.22 -0.90
C GLY B 596 -10.36 -14.78 -0.80
N LYS B 597 -11.13 -14.91 -1.87
CA LYS B 597 -12.52 -14.47 -1.90
C LYS B 597 -13.43 -15.65 -2.19
N ALA B 598 -14.72 -15.44 -1.94
CA ALA B 598 -15.73 -16.47 -2.15
C ALA B 598 -16.06 -16.55 -3.64
N VAL B 599 -17.11 -17.31 -3.97
CA VAL B 599 -17.48 -17.57 -5.35
C VAL B 599 -18.91 -17.09 -5.56
N ILE B 600 -19.17 -16.55 -6.75
CA ILE B 600 -20.50 -15.95 -7.01
C ILE B 600 -21.30 -16.80 -7.98
N LYS B 601 -22.35 -17.48 -7.50
CA LYS B 601 -23.25 -18.26 -8.37
C LYS B 601 -24.13 -17.24 -9.07
N VAL B 602 -24.77 -17.58 -10.18
CA VAL B 602 -25.47 -16.52 -10.94
C VAL B 602 -26.78 -17.05 -11.44
N THR B 603 -27.24 -18.12 -10.88
CA THR B 603 -28.45 -18.71 -11.47
C THR B 603 -29.33 -19.16 -10.34
N PRO B 604 -30.64 -18.91 -10.42
CA PRO B 604 -31.57 -19.60 -9.58
C PRO B 604 -31.85 -20.98 -10.17
N ARG B 605 -30.83 -21.66 -10.72
CA ARG B 605 -31.06 -22.95 -11.41
C ARG B 605 -29.99 -23.96 -11.00
N LYS B 606 -30.38 -25.24 -10.90
CA LYS B 606 -29.45 -26.27 -10.40
C LYS B 606 -29.23 -27.33 -11.49
N LYS B 607 -30.28 -27.71 -12.23
CA LYS B 607 -30.14 -28.75 -13.24
C LYS B 607 -29.72 -28.11 -14.55
N PHE B 608 -28.48 -28.36 -14.96
CA PHE B 608 -27.93 -27.81 -16.18
C PHE B 608 -27.69 -28.87 -17.26
N LYS B 609 -28.24 -30.08 -17.08
CA LYS B 609 -28.11 -31.14 -18.06
C LYS B 609 -29.47 -31.82 -18.24
N CYS B 610 -29.64 -32.45 -19.40
CA CYS B 610 -30.89 -33.12 -19.73
C CYS B 610 -31.10 -34.36 -18.85
N THR B 624 -17.69 -45.00 -9.96
CA THR B 624 -17.50 -44.33 -8.68
C THR B 624 -17.25 -42.84 -8.88
N HIS B 625 -18.32 -42.07 -9.01
CA HIS B 625 -18.19 -40.63 -9.23
C HIS B 625 -17.99 -39.89 -7.91
N MET B 626 -18.96 -39.99 -7.00
CA MET B 626 -18.93 -39.19 -5.78
C MET B 626 -17.73 -39.53 -4.92
N VAL B 627 -17.36 -40.81 -4.84
CA VAL B 627 -16.19 -41.21 -4.06
C VAL B 627 -14.94 -40.56 -4.63
N GLU B 628 -14.81 -40.53 -5.96
CA GLU B 628 -13.66 -39.88 -6.59
C GLU B 628 -13.64 -38.39 -6.28
N ARG B 629 -14.80 -37.74 -6.31
CA ARG B 629 -14.86 -36.32 -6.00
C ARG B 629 -14.44 -36.05 -4.56
N SER B 630 -14.90 -36.88 -3.63
CA SER B 630 -14.50 -36.72 -2.23
C SER B 630 -12.99 -36.93 -2.07
N GLU B 631 -12.44 -37.92 -2.76
CA GLU B 631 -11.00 -38.14 -2.72
C GLU B 631 -10.25 -36.92 -3.26
N CYS B 632 -10.75 -36.33 -4.35
CA CYS B 632 -10.13 -35.14 -4.92
C CYS B 632 -10.16 -33.99 -3.92
N ILE B 633 -11.31 -33.79 -3.27
CA ILE B 633 -11.42 -32.68 -2.32
C ILE B 633 -10.45 -32.88 -1.15
N ASN B 634 -10.38 -34.11 -0.62
CA ASN B 634 -9.47 -34.37 0.49
C ASN B 634 -8.01 -34.19 0.08
N LYS B 635 -7.65 -34.67 -1.12
CA LYS B 635 -6.27 -34.51 -1.57
C LYS B 635 -5.92 -33.04 -1.78
N PHE B 636 -6.84 -32.27 -2.36
CA PHE B 636 -6.58 -30.85 -2.59
C PHE B 636 -6.52 -30.08 -1.28
N ALA B 637 -7.30 -30.48 -0.27
CA ALA B 637 -7.16 -29.88 1.04
C ALA B 637 -5.83 -30.24 1.68
N SER B 638 -5.37 -31.47 1.47
CA SER B 638 -4.11 -31.90 2.07
C SER B 638 -2.90 -31.21 1.42
N VAL B 639 -2.95 -30.99 0.11
CA VAL B 639 -1.78 -30.40 -0.56
C VAL B 639 -1.65 -28.91 -0.27
N PHE B 640 -2.73 -28.24 0.10
CA PHE B 640 -2.68 -26.82 0.46
C PHE B 640 -2.45 -26.61 1.95
N GLY B 641 -2.50 -27.65 2.76
CA GLY B 641 -2.33 -27.52 4.19
C GLY B 641 -3.56 -27.04 4.94
N THR B 642 -4.62 -26.65 4.24
CA THR B 642 -5.85 -26.19 4.85
C THR B 642 -6.95 -26.28 3.80
N MET B 643 -8.13 -25.73 4.11
CA MET B 643 -9.24 -25.73 3.17
C MET B 643 -9.56 -24.29 2.80
N PRO B 644 -9.12 -23.80 1.64
CA PRO B 644 -9.31 -22.38 1.30
C PRO B 644 -10.72 -22.03 0.86
N LEU B 645 -11.61 -23.00 0.68
CA LEU B 645 -12.96 -22.72 0.23
C LEU B 645 -13.76 -22.05 1.33
N LYS B 646 -14.60 -21.08 0.94
CA LYS B 646 -15.40 -20.31 1.88
C LYS B 646 -16.87 -20.48 1.52
N VAL B 647 -17.67 -20.84 2.52
CA VAL B 647 -19.09 -21.11 2.30
C VAL B 647 -19.86 -19.80 2.35
N VAL B 648 -20.69 -19.57 1.34
CA VAL B 648 -21.59 -18.42 1.28
C VAL B 648 -22.98 -18.92 0.92
N GLU B 649 -23.99 -18.14 1.31
CA GLU B 649 -25.39 -18.54 1.14
C GLU B 649 -26.15 -17.55 0.25
N HIS B 650 -25.45 -16.85 -0.64
CA HIS B 650 -26.06 -15.85 -1.49
C HIS B 650 -25.77 -16.14 -2.95
N ARG B 651 -26.75 -15.89 -3.80
CA ARG B 651 -26.60 -15.99 -5.25
C ARG B 651 -26.97 -14.67 -5.89
N ALA B 652 -26.43 -14.43 -7.08
CA ALA B 652 -26.67 -13.19 -7.81
C ALA B 652 -27.67 -13.45 -8.94
N ASP B 653 -28.78 -12.72 -8.93
CA ASP B 653 -29.77 -12.78 -10.00
C ASP B 653 -30.15 -11.35 -10.38
N PRO B 654 -30.60 -11.14 -11.61
CA PRO B 654 -30.85 -9.77 -12.08
C PRO B 654 -31.96 -9.08 -11.29
N VAL B 655 -31.84 -7.76 -11.20
CA VAL B 655 -32.81 -6.95 -10.48
C VAL B 655 -34.16 -6.98 -11.19
C1 NAG C . -2.94 -21.11 0.20
C2 NAG C . -3.21 -20.95 1.69
C3 NAG C . -1.90 -20.97 2.46
C4 NAG C . -1.09 -22.21 2.13
C5 NAG C . -0.90 -22.31 0.61
C6 NAG C . -0.21 -23.57 0.18
C7 NAG C . -5.27 -19.68 2.08
C8 NAG C . -5.85 -18.32 2.35
N2 NAG C . -3.94 -19.72 1.96
O3 NAG C . -2.17 -20.94 3.86
O4 NAG C . 0.19 -22.14 2.75
O5 NAG C . -2.18 -22.30 -0.03
O6 NAG C . 0.14 -23.54 -1.20
O7 NAG C . -5.97 -20.67 1.98
C1 NAG C . 0.36 -23.26 3.65
C2 NAG C . 1.85 -23.39 3.95
C3 NAG C . 2.08 -24.55 4.92
C4 NAG C . 1.22 -24.37 6.17
C5 NAG C . -0.24 -24.17 5.78
C6 NAG C . -1.12 -23.86 6.97
C7 NAG C . 3.17 -22.60 2.04
C8 NAG C . 3.92 -22.99 0.80
N2 NAG C . 2.60 -23.60 2.73
O3 NAG C . 3.46 -24.60 5.28
O4 NAG C . 1.32 -25.52 7.00
O5 NAG C . -0.36 -23.07 4.87
O6 NAG C . -2.44 -23.53 6.55
O7 NAG C . 3.06 -21.43 2.40
C1 BMA C . 2.18 -25.23 8.13
C2 BMA C . 1.44 -25.66 9.41
C3 BMA C . 2.37 -25.54 10.62
C4 BMA C . 3.72 -26.22 10.36
C5 BMA C . 4.34 -25.65 9.07
C6 BMA C . 5.67 -26.29 8.72
O2 BMA C . 1.04 -27.02 9.33
O3 BMA C . 1.76 -26.08 11.79
O4 BMA C . 4.59 -25.99 11.45
O5 BMA C . 3.43 -25.90 8.00
O6 BMA C . 6.24 -25.58 7.64
#